data_8ODW
#
_entry.id   8ODW
#
_cell.length_a   206.751
_cell.length_b   206.751
_cell.length_c   178.395
_cell.angle_alpha   90.00
_cell.angle_beta   90.00
_cell.angle_gamma   120.00
#
_symmetry.space_group_name_H-M   'P 65 2 2'
#
loop_
_entity.id
_entity.type
_entity.pdbx_description
1 polymer 'Polyketide synthase modules-related protein'
2 non-polymer 'FLAVIN-ADENINE DINUCLEOTIDE'
3 non-polymer 'NADP NICOTINAMIDE-ADENINE-DINUCLEOTIDE PHOSPHATE'
4 non-polymer 'OXYGEN MOLECULE'
5 non-polymer 'ethyl glycinate'
6 non-polymer GLYCEROL
7 non-polymer 'PHOSPHATE ION'
8 water water
#
_entity_poly.entity_id   1
_entity_poly.type   'polypeptide(L)'
_entity_poly.pdbx_seq_one_letter_code
;GPGSMTDQTRTKKRICIIGAGPAGLVMAKSLLEEGHEPVIYETESVLGGIWNIKADKTAGVYNSTRFQNSADTSFFSDFP
ADTTDGFFLGVDQVRAYLQAYASRFDIHQYIHYNSKIIAVTEHGDQWKVDIGEGDQQQTRYFDGVAMCHGRYKHPFIPTI
PGLDQFQGEVLHSGQYYDNRIFAGKRVLVIGNGVSGMDIAEEASHVASAVFWSMRSLRLVLPRMVGYLPNDFISPANLLI
SKDNSIIMERLKNSMPEYYECYQKSGLFPSLEDFRANPFVHINDGVIQRVAEGAIQTHVEDIERFTGRGCIFSASGTHIE
NIDMVVLCTGYDNSQSFDYVKQFSMRDDFAMGLFYRQNPSLVNTYGLQNVGTTGTLPYLEMVARWYAQIISGNYTLDAEE
LNHRAGEGEIVVAPLANVIMGLKLGLLPDPKTEFQAFWRCLNYPSFPPMYRLRGPHADPQAQSVLSRSVQRSLIQQGEHD
SQLQTVKHRLLAGLGEEVMQALLARQEISQEEYLQAQRCGENAIVLSWDTQVIRPVKKASSAVSQQASVPADRLAEEAFQ
QRITELMSQTLKLDVGQITADRHLSDYGFSSVTLTAFSRKITDEYNIRLQPFVFLEYTTLKALTDFLYRKWSEQQPART
;
_entity_poly.pdbx_strand_id   A,B
#
# COMPACT_ATOMS: atom_id res chain seq x y z
N ARG A 10 -22.30 -13.35 33.25
CA ARG A 10 -21.20 -12.39 33.25
C ARG A 10 -20.47 -12.42 31.94
N THR A 11 -19.89 -13.57 31.60
CA THR A 11 -19.08 -13.64 30.39
C THR A 11 -19.88 -13.25 29.18
N LYS A 12 -21.17 -13.03 29.34
CA LYS A 12 -21.89 -12.56 28.20
C LYS A 12 -21.01 -11.42 27.75
N LYS A 13 -20.53 -11.50 26.51
CA LYS A 13 -19.75 -10.39 25.96
C LYS A 13 -20.73 -9.38 25.48
N ARG A 14 -20.33 -8.13 25.41
CA ARG A 14 -21.26 -7.06 25.07
C ARG A 14 -20.75 -6.42 23.80
N ILE A 15 -21.47 -6.66 22.71
CA ILE A 15 -21.10 -6.22 21.36
C ILE A 15 -22.01 -5.08 20.90
N CYS A 16 -21.40 -3.96 20.51
CA CYS A 16 -22.11 -2.83 19.92
C CYS A 16 -22.29 -3.05 18.41
N ILE A 17 -23.54 -3.17 17.98
CA ILE A 17 -23.89 -3.35 16.56
C ILE A 17 -24.43 -2.04 15.99
N ILE A 18 -23.73 -1.44 15.03
CA ILE A 18 -24.16 -0.19 14.41
C ILE A 18 -25.07 -0.51 13.22
N GLY A 19 -26.39 -0.39 13.42
CA GLY A 19 -27.31 -0.60 12.31
C GLY A 19 -28.36 -1.66 12.54
N ALA A 20 -29.59 -1.39 12.11
CA ALA A 20 -30.68 -2.35 12.28
C ALA A 20 -31.04 -3.01 10.95
N GLY A 21 -30.24 -2.75 9.91
CA GLY A 21 -30.50 -3.34 8.60
C GLY A 21 -30.22 -4.83 8.60
N PRO A 22 -30.34 -5.47 7.43
CA PRO A 22 -30.16 -6.93 7.37
C PRO A 22 -28.92 -7.41 8.12
N ALA A 23 -27.79 -6.73 7.92
CA ALA A 23 -26.55 -7.16 8.56
C ALA A 23 -26.68 -7.14 10.05
N GLY A 24 -27.15 -6.00 10.61
CA GLY A 24 -27.31 -5.89 12.05
C GLY A 24 -28.27 -6.92 12.62
N LEU A 25 -29.32 -7.25 11.87
CA LEU A 25 -30.24 -8.27 12.36
C LEU A 25 -29.57 -9.64 12.46
N VAL A 26 -28.86 -10.06 11.41
CA VAL A 26 -28.23 -11.38 11.47
C VAL A 26 -26.98 -11.33 12.34
N MET A 27 -26.29 -10.19 12.38
CA MET A 27 -25.16 -10.05 13.30
C MET A 27 -25.59 -10.23 14.75
N ALA A 28 -26.77 -9.74 15.11
CA ALA A 28 -27.28 -9.91 16.48
C ALA A 28 -27.78 -11.34 16.73
N LYS A 29 -28.49 -11.90 15.75
CA LYS A 29 -28.99 -13.26 15.89
C LYS A 29 -27.84 -14.26 15.96
N SER A 30 -26.70 -13.92 15.35
CA SER A 30 -25.55 -14.82 15.37
C SER A 30 -24.87 -14.83 16.72
N LEU A 31 -24.71 -13.64 17.33
CA LEU A 31 -24.11 -13.53 18.66
C LEU A 31 -25.03 -14.12 19.73
N LEU A 32 -26.34 -14.10 19.49
CA LEU A 32 -27.25 -14.72 20.45
C LEU A 32 -27.14 -16.23 20.42
N GLU A 33 -26.66 -16.81 19.31
CA GLU A 33 -26.43 -18.25 19.25
C GLU A 33 -25.21 -18.64 20.06
N GLU A 34 -24.22 -17.76 20.16
CA GLU A 34 -23.02 -18.02 20.95
C GLU A 34 -23.11 -17.38 22.33
N GLY A 35 -24.33 -17.09 22.77
CA GLY A 35 -24.60 -16.58 24.09
C GLY A 35 -23.98 -15.24 24.41
N HIS A 36 -23.68 -14.43 23.42
CA HIS A 36 -23.24 -13.07 23.68
C HIS A 36 -24.45 -12.14 23.77
N GLU A 37 -24.19 -10.88 24.14
CA GLU A 37 -25.28 -9.92 24.29
C GLU A 37 -25.18 -8.82 23.26
N PRO A 38 -26.13 -8.75 22.31
CA PRO A 38 -26.11 -7.67 21.31
C PRO A 38 -26.63 -6.35 21.85
N VAL A 39 -26.05 -5.28 21.34
CA VAL A 39 -26.56 -3.93 21.58
C VAL A 39 -26.59 -3.24 20.22
N ILE A 40 -27.78 -3.11 19.65
CA ILE A 40 -27.98 -2.49 18.33
C ILE A 40 -28.34 -1.03 18.51
N TYR A 41 -27.60 -0.13 17.86
CA TYR A 41 -27.94 1.28 17.81
C TYR A 41 -28.33 1.62 16.38
N GLU A 42 -29.50 2.23 16.21
CA GLU A 42 -30.04 2.55 14.88
C GLU A 42 -30.40 4.01 14.83
N THR A 43 -29.84 4.74 13.85
CA THR A 43 -30.13 6.17 13.71
C THR A 43 -31.60 6.41 13.37
N GLU A 44 -32.18 5.57 12.52
CA GLU A 44 -33.58 5.66 12.14
C GLU A 44 -34.48 5.09 13.22
N SER A 45 -35.79 5.22 13.02
CA SER A 45 -36.75 4.80 14.02
C SER A 45 -37.27 3.39 13.83
N VAL A 46 -36.95 2.72 12.70
CA VAL A 46 -37.43 1.36 12.45
C VAL A 46 -36.31 0.51 11.87
N LEU A 47 -36.43 -0.82 12.07
CA LEU A 47 -35.50 -1.73 11.39
C LEU A 47 -35.80 -1.79 9.90
N GLY A 48 -34.80 -2.27 9.15
CA GLY A 48 -35.00 -2.54 7.74
C GLY A 48 -33.93 -1.98 6.85
N GLY A 49 -33.21 -0.98 7.27
CA GLY A 49 -32.23 -0.37 6.43
C GLY A 49 -32.63 0.40 5.20
N ILE A 50 -31.88 0.20 4.12
CA ILE A 50 -32.12 0.90 2.86
C ILE A 50 -33.43 0.49 2.26
N TRP A 51 -34.07 -0.47 2.86
CA TRP A 51 -35.36 -0.92 2.39
C TRP A 51 -36.45 -0.10 3.03
N ASN A 52 -36.06 0.91 3.80
CA ASN A 52 -37.03 1.86 4.31
C ASN A 52 -37.04 3.12 3.46
N ILE A 53 -38.28 3.57 3.06
CA ILE A 53 -38.53 4.80 2.31
C ILE A 53 -38.81 5.93 3.29
N LYS A 54 -38.21 7.09 3.04
CA LYS A 54 -38.68 8.34 3.65
C LYS A 54 -39.19 9.32 2.57
N ALA A 55 -39.87 10.38 3.02
CA ALA A 55 -40.60 11.23 2.08
C ALA A 55 -39.69 12.23 1.39
N ASP A 56 -38.75 12.80 2.11
CA ASP A 56 -37.72 13.65 1.51
C ASP A 56 -36.55 12.73 1.21
N LYS A 57 -36.79 11.77 0.32
CA LYS A 57 -35.93 10.61 0.10
C LYS A 57 -34.64 11.13 -0.53
N THR A 58 -33.50 10.81 0.08
CA THR A 58 -32.22 11.01 -0.57
C THR A 58 -31.40 9.73 -0.67
N ALA A 59 -31.92 8.63 -0.15
CA ALA A 59 -31.27 7.33 -0.22
C ALA A 59 -32.37 6.30 -0.05
N GLY A 60 -32.03 5.06 -0.33
CA GLY A 60 -33.01 4.02 -0.11
C GLY A 60 -33.56 3.51 -1.43
N VAL A 61 -34.09 2.28 -1.37
CA VAL A 61 -34.54 1.63 -2.57
C VAL A 61 -35.72 2.40 -3.15
N TYR A 62 -35.91 2.28 -4.44
CA TYR A 62 -37.01 2.98 -5.06
C TYR A 62 -38.13 2.01 -5.42
N ASN A 63 -39.28 2.55 -5.83
CA ASN A 63 -40.46 1.73 -5.86
C ASN A 63 -40.44 0.38 -6.56
N SER A 64 -39.81 0.32 -7.73
CA SER A 64 -39.86 -0.89 -8.55
C SER A 64 -38.82 -1.91 -8.14
N THR A 65 -37.91 -1.53 -7.27
CA THR A 65 -36.84 -2.41 -6.84
C THR A 65 -37.31 -3.77 -6.42
N ARG A 66 -36.65 -4.79 -6.97
CA ARG A 66 -36.93 -6.14 -6.60
C ARG A 66 -35.56 -6.73 -6.51
N PHE A 67 -35.40 -7.88 -5.88
CA PHE A 67 -34.12 -8.52 -5.84
C PHE A 67 -33.66 -8.94 -7.19
N GLN A 68 -32.36 -8.87 -7.41
CA GLN A 68 -31.82 -9.31 -8.69
C GLN A 68 -31.77 -10.82 -8.81
N ASN A 69 -31.54 -11.52 -7.70
CA ASN A 69 -31.36 -12.96 -7.65
C ASN A 69 -32.54 -13.59 -6.94
N SER A 70 -32.88 -14.81 -7.33
CA SER A 70 -34.02 -15.55 -6.80
C SER A 70 -33.96 -15.80 -5.29
N ALA A 71 -35.13 -15.98 -4.67
CA ALA A 71 -35.17 -16.24 -3.24
C ALA A 71 -34.35 -17.43 -2.79
N ASP A 72 -34.20 -18.45 -3.66
CA ASP A 72 -33.44 -19.66 -3.33
C ASP A 72 -32.00 -19.39 -3.00
N THR A 73 -31.48 -18.22 -3.35
CA THR A 73 -30.08 -17.88 -3.07
C THR A 73 -29.90 -16.53 -2.39
N SER A 74 -30.98 -15.81 -2.07
CA SER A 74 -30.79 -14.49 -1.52
C SER A 74 -31.26 -14.24 -0.10
N PHE A 75 -31.52 -15.28 0.69
CA PHE A 75 -32.01 -15.09 2.06
C PHE A 75 -31.24 -15.99 3.01
N PHE A 76 -31.63 -15.93 4.31
CA PHE A 76 -30.79 -16.49 5.37
C PHE A 76 -30.96 -18.00 5.49
N SER A 77 -29.90 -18.66 5.99
CA SER A 77 -29.76 -20.13 6.01
C SER A 77 -30.92 -20.84 6.64
N ASP A 78 -31.40 -20.32 7.78
CA ASP A 78 -32.43 -20.97 8.59
C ASP A 78 -33.75 -20.22 8.57
N PHE A 79 -34.03 -19.44 7.52
CA PHE A 79 -35.23 -18.61 7.49
C PHE A 79 -35.66 -18.34 6.04
N PRO A 80 -36.42 -19.26 5.44
CA PRO A 80 -36.79 -19.13 4.02
C PRO A 80 -37.74 -17.98 3.77
N ALA A 81 -37.62 -17.38 2.59
CA ALA A 81 -38.50 -16.27 2.25
C ALA A 81 -39.82 -16.79 1.68
N ASP A 82 -40.88 -16.03 1.90
CA ASP A 82 -42.16 -16.36 1.29
C ASP A 82 -42.19 -15.86 -0.15
N THR A 83 -42.33 -16.80 -1.10
CA THR A 83 -42.35 -16.49 -2.52
C THR A 83 -43.76 -16.53 -3.14
N THR A 84 -44.81 -16.48 -2.31
CA THR A 84 -46.17 -16.42 -2.83
C THR A 84 -46.32 -15.42 -3.96
N ASP A 85 -45.88 -14.18 -3.74
CA ASP A 85 -45.96 -13.13 -4.74
C ASP A 85 -44.79 -13.15 -5.71
N GLY A 86 -43.90 -14.15 -5.62
CA GLY A 86 -42.86 -14.28 -6.63
C GLY A 86 -41.48 -14.65 -6.12
N PHE A 87 -40.63 -15.15 -7.02
CA PHE A 87 -39.28 -15.57 -6.67
C PHE A 87 -38.31 -14.40 -6.56
N PHE A 88 -38.60 -13.27 -7.18
CA PHE A 88 -37.74 -12.09 -7.08
C PHE A 88 -38.47 -11.05 -6.25
N LEU A 89 -38.10 -10.97 -4.96
CA LEU A 89 -38.88 -10.21 -4.00
C LEU A 89 -38.67 -8.72 -4.17
N GLY A 90 -39.76 -7.96 -4.08
CA GLY A 90 -39.71 -6.51 -4.14
C GLY A 90 -39.75 -5.89 -2.75
N VAL A 91 -39.77 -4.54 -2.75
CA VAL A 91 -39.49 -3.78 -1.53
C VAL A 91 -40.37 -4.24 -0.37
N ASP A 92 -41.67 -4.38 -0.60
CA ASP A 92 -42.57 -4.73 0.50
C ASP A 92 -42.22 -6.09 1.12
N GLN A 93 -41.96 -7.08 0.27
CA GLN A 93 -41.68 -8.42 0.77
C GLN A 93 -40.35 -8.49 1.52
N VAL A 94 -39.35 -7.76 1.04
CA VAL A 94 -38.06 -7.82 1.72
C VAL A 94 -38.18 -7.25 3.12
N ARG A 95 -38.78 -6.06 3.27
CA ARG A 95 -38.88 -5.50 4.62
C ARG A 95 -39.80 -6.33 5.51
N ALA A 96 -40.88 -6.88 4.94
CA ALA A 96 -41.64 -7.94 5.58
C ALA A 96 -40.72 -9.05 6.10
N TYR A 97 -39.84 -9.54 5.24
CA TYR A 97 -38.94 -10.63 5.63
C TYR A 97 -38.10 -10.24 6.84
N LEU A 98 -37.45 -9.07 6.76
CA LEU A 98 -36.57 -8.63 7.84
C LEU A 98 -37.33 -8.51 9.16
N GLN A 99 -38.58 -8.02 9.10
CA GLN A 99 -39.40 -7.95 10.30
C GLN A 99 -39.76 -9.34 10.82
N ALA A 100 -40.13 -10.28 9.94
CA ALA A 100 -40.40 -11.65 10.35
C ALA A 100 -39.18 -12.29 11.04
N TYR A 101 -37.98 -12.07 10.48
CA TYR A 101 -36.75 -12.58 11.06
C TYR A 101 -36.47 -11.99 12.45
N ALA A 102 -36.49 -10.67 12.58
CA ALA A 102 -36.35 -10.01 13.87
C ALA A 102 -37.31 -10.57 14.92
N SER A 103 -38.42 -11.15 14.49
CA SER A 103 -39.39 -11.59 15.47
C SER A 103 -39.21 -13.04 15.85
N ARG A 104 -38.97 -13.95 14.91
CA ARG A 104 -38.71 -15.33 15.31
C ARG A 104 -37.51 -15.39 16.25
N PHE A 105 -36.42 -14.72 15.90
CA PHE A 105 -35.24 -14.79 16.76
C PHE A 105 -35.20 -13.62 17.76
N ASP A 106 -36.33 -12.99 18.00
CA ASP A 106 -36.51 -12.12 19.17
C ASP A 106 -35.49 -10.98 19.24
N ILE A 107 -35.29 -10.26 18.12
CA ILE A 107 -34.18 -9.33 18.09
C ILE A 107 -34.61 -7.94 18.53
N HIS A 108 -35.92 -7.67 18.54
CA HIS A 108 -36.41 -6.31 18.76
C HIS A 108 -35.91 -5.72 20.07
N GLN A 109 -35.99 -6.51 21.16
CA GLN A 109 -35.57 -6.04 22.48
C GLN A 109 -34.18 -5.43 22.53
N TYR A 110 -33.27 -5.84 21.65
CA TYR A 110 -31.91 -5.32 21.71
C TYR A 110 -31.71 -4.07 20.88
N ILE A 111 -32.73 -3.62 20.16
CA ILE A 111 -32.59 -2.52 19.22
C ILE A 111 -32.89 -1.22 19.95
N HIS A 112 -31.99 -0.26 19.83
CA HIS A 112 -32.17 1.10 20.33
C HIS A 112 -32.28 1.98 19.10
N TYR A 113 -33.51 2.30 18.71
CA TYR A 113 -33.69 3.22 17.60
C TYR A 113 -33.45 4.67 18.02
N ASN A 114 -33.38 5.53 17.02
CA ASN A 114 -33.15 6.96 17.22
C ASN A 114 -31.85 7.19 17.97
N SER A 115 -30.81 6.43 17.61
CA SER A 115 -29.54 6.42 18.34
C SER A 115 -28.40 6.26 17.33
N LYS A 116 -27.70 7.34 17.06
CA LYS A 116 -26.65 7.37 16.04
C LYS A 116 -25.28 7.28 16.69
N ILE A 117 -24.48 6.31 16.24
CA ILE A 117 -23.12 6.15 16.72
C ILE A 117 -22.27 7.28 16.15
N ILE A 118 -21.47 7.91 17.00
CA ILE A 118 -20.73 9.11 16.64
C ILE A 118 -19.23 8.84 16.52
N ALA A 119 -18.68 7.98 17.38
CA ALA A 119 -17.25 7.71 17.39
C ALA A 119 -17.03 6.35 18.01
N VAL A 120 -16.10 5.58 17.44
CA VAL A 120 -15.61 4.35 18.07
C VAL A 120 -14.09 4.43 18.16
N THR A 121 -13.55 4.31 19.37
CA THR A 121 -12.11 4.37 19.58
C THR A 121 -11.66 3.16 20.40
N GLU A 122 -10.44 2.70 20.11
CA GLU A 122 -9.94 1.56 20.88
C GLU A 122 -9.55 2.01 22.28
N HIS A 123 -9.81 1.15 23.25
CA HIS A 123 -9.68 1.50 24.66
C HIS A 123 -9.19 0.16 25.18
N GLY A 124 -7.89 0.05 25.40
CA GLY A 124 -7.33 -1.22 25.79
C GLY A 124 -7.72 -2.34 24.88
N ASP A 125 -8.43 -3.32 25.41
CA ASP A 125 -8.95 -4.38 24.57
C ASP A 125 -10.42 -4.10 24.43
N GLN A 126 -10.87 -3.03 25.07
CA GLN A 126 -12.27 -2.65 24.99
C GLN A 126 -12.49 -1.54 24.02
N TRP A 127 -13.75 -1.29 23.71
CA TRP A 127 -14.08 -0.26 22.72
C TRP A 127 -14.97 0.77 23.37
N LYS A 128 -14.63 2.05 23.18
CA LYS A 128 -15.44 3.17 23.68
C LYS A 128 -16.26 3.75 22.53
N VAL A 129 -17.58 3.79 22.70
CA VAL A 129 -18.50 4.21 21.65
C VAL A 129 -19.23 5.48 22.11
N ASP A 130 -19.32 6.46 21.21
CA ASP A 130 -20.04 7.70 21.48
C ASP A 130 -21.39 7.62 20.78
N ILE A 131 -22.46 7.55 21.58
CA ILE A 131 -23.81 7.32 21.09
C ILE A 131 -24.57 8.62 21.18
N GLY A 132 -25.49 8.81 20.23
CA GLY A 132 -26.45 9.90 20.28
C GLY A 132 -25.82 11.25 19.97
N GLU A 133 -26.64 12.24 19.61
CA GLU A 133 -26.16 13.46 18.96
C GLU A 133 -25.81 14.59 19.92
N GLY A 134 -26.76 15.02 20.74
CA GLY A 134 -26.56 16.27 21.48
C GLY A 134 -26.69 16.20 22.98
N ASP A 135 -27.86 16.59 23.50
CA ASP A 135 -28.14 16.43 24.92
C ASP A 135 -28.36 14.97 25.29
N GLN A 136 -28.62 14.12 24.29
CA GLN A 136 -28.69 12.69 24.49
C GLN A 136 -27.34 12.00 24.31
N GLN A 137 -26.28 12.76 24.01
CA GLN A 137 -24.92 12.22 23.92
C GLN A 137 -24.56 11.43 25.17
N GLN A 138 -24.35 10.14 24.97
CA GLN A 138 -23.87 9.23 26.01
C GLN A 138 -22.62 8.52 25.50
N THR A 139 -21.97 7.77 26.40
CA THR A 139 -20.77 6.98 26.10
C THR A 139 -20.81 5.66 26.84
N ARG A 140 -20.65 4.58 26.12
CA ARG A 140 -20.66 3.26 26.72
C ARG A 140 -19.40 2.53 26.29
N TYR A 141 -19.15 1.37 26.91
CA TYR A 141 -17.97 0.57 26.59
C TYR A 141 -18.41 -0.80 26.15
N PHE A 142 -17.65 -1.37 25.20
CA PHE A 142 -18.00 -2.67 24.65
C PHE A 142 -16.79 -3.55 24.40
N ASP A 143 -17.07 -4.87 24.39
CA ASP A 143 -16.10 -5.91 24.08
C ASP A 143 -15.79 -5.98 22.60
N GLY A 144 -16.81 -5.80 21.77
CA GLY A 144 -16.58 -5.74 20.35
C GLY A 144 -17.60 -4.81 19.72
N VAL A 145 -17.27 -4.40 18.49
CA VAL A 145 -18.06 -3.50 17.66
C VAL A 145 -18.34 -4.22 16.34
N ALA A 146 -19.60 -4.44 16.02
CA ALA A 146 -19.95 -4.91 14.69
C ALA A 146 -20.46 -3.74 13.85
N MET A 147 -19.65 -3.27 12.90
CA MET A 147 -20.04 -2.17 12.03
C MET A 147 -21.02 -2.71 10.98
N CYS A 148 -22.30 -2.37 11.10
CA CYS A 148 -23.32 -2.85 10.17
C CYS A 148 -24.12 -1.70 9.58
N HIS A 149 -23.42 -0.68 9.08
CA HIS A 149 -24.03 0.56 8.59
C HIS A 149 -24.32 0.56 7.07
N GLY A 150 -24.22 -0.57 6.38
CA GLY A 150 -24.56 -0.57 4.96
C GLY A 150 -23.75 0.33 4.03
N ARG A 151 -24.21 0.37 2.79
CA ARG A 151 -23.67 1.23 1.75
C ARG A 151 -24.82 2.05 1.17
N TYR A 152 -24.51 2.82 0.12
CA TYR A 152 -25.53 3.42 -0.76
C TYR A 152 -26.33 4.50 -0.06
N LYS A 153 -25.65 5.28 0.78
CA LYS A 153 -26.28 6.32 1.60
C LYS A 153 -25.77 7.70 1.28
N HIS A 154 -24.48 7.82 0.98
CA HIS A 154 -23.88 9.10 0.62
C HIS A 154 -23.67 9.17 -0.88
N PRO A 155 -24.53 9.87 -1.61
CA PRO A 155 -24.38 10.00 -3.07
C PRO A 155 -23.01 10.51 -3.46
N PHE A 156 -22.56 10.09 -4.63
CA PHE A 156 -21.39 10.65 -5.25
C PHE A 156 -21.78 11.48 -6.46
N ILE A 157 -21.44 12.76 -6.46
CA ILE A 157 -21.75 13.67 -7.56
C ILE A 157 -20.46 13.92 -8.34
N PRO A 158 -20.39 13.53 -9.60
CA PRO A 158 -19.18 13.84 -10.38
C PRO A 158 -19.03 15.34 -10.60
N THR A 159 -17.77 15.78 -10.75
CA THR A 159 -17.47 17.13 -11.21
C THR A 159 -17.49 17.15 -12.73
N ILE A 160 -18.48 17.84 -13.29
CA ILE A 160 -18.62 18.00 -14.74
C ILE A 160 -18.65 19.48 -15.03
N PRO A 161 -17.84 19.97 -15.94
CA PRO A 161 -17.88 21.40 -16.31
C PRO A 161 -19.28 21.95 -16.53
N GLY A 162 -19.63 22.99 -15.80
CA GLY A 162 -20.85 23.72 -16.08
C GLY A 162 -22.13 23.14 -15.50
N LEU A 163 -22.06 21.95 -14.88
CA LEU A 163 -23.25 21.35 -14.29
C LEU A 163 -23.78 22.17 -13.14
N ASP A 164 -22.90 22.86 -12.43
CA ASP A 164 -23.34 23.70 -11.32
C ASP A 164 -24.17 24.88 -11.77
N GLN A 165 -24.09 25.25 -13.05
CA GLN A 165 -24.84 26.37 -13.58
C GLN A 165 -26.01 25.93 -14.47
N PHE A 166 -26.18 24.62 -14.66
CA PHE A 166 -27.34 24.08 -15.36
C PHE A 166 -28.61 24.58 -14.68
N GLN A 167 -29.58 24.98 -15.50
CA GLN A 167 -30.78 25.64 -15.00
C GLN A 167 -32.00 24.72 -14.95
N GLY A 168 -31.85 23.43 -15.25
CA GLY A 168 -32.93 22.46 -15.12
C GLY A 168 -32.89 21.78 -13.76
N GLU A 169 -33.77 20.79 -13.59
CA GLU A 169 -33.73 20.00 -12.35
C GLU A 169 -32.56 19.03 -12.41
N VAL A 170 -31.85 18.88 -11.29
CA VAL A 170 -30.81 17.87 -11.22
C VAL A 170 -31.08 16.98 -10.01
N LEU A 171 -31.23 15.69 -10.27
CA LEU A 171 -31.44 14.67 -9.27
C LEU A 171 -30.26 13.71 -9.20
N HIS A 172 -30.07 13.11 -8.02
CA HIS A 172 -29.27 11.90 -7.87
C HIS A 172 -30.21 10.73 -7.62
N SER A 173 -29.84 9.55 -8.12
CA SER A 173 -30.75 8.40 -8.11
C SER A 173 -31.25 8.06 -6.71
N GLY A 174 -30.47 8.36 -5.68
CA GLY A 174 -30.91 8.07 -4.32
C GLY A 174 -32.21 8.74 -3.95
N GLN A 175 -32.56 9.84 -4.63
CA GLN A 175 -33.83 10.52 -4.47
C GLN A 175 -34.97 9.87 -5.25
N TYR A 176 -34.68 8.96 -6.17
CA TYR A 176 -35.70 8.47 -7.09
C TYR A 176 -36.68 7.55 -6.38
N TYR A 177 -37.96 7.66 -6.73
CA TYR A 177 -38.93 6.72 -6.20
C TYR A 177 -39.76 6.13 -7.33
N ASP A 178 -40.45 6.94 -8.13
CA ASP A 178 -41.04 6.36 -9.35
C ASP A 178 -41.04 7.38 -10.49
N ASN A 179 -41.51 6.94 -11.66
CA ASN A 179 -41.24 7.65 -12.91
C ASN A 179 -42.30 8.69 -13.22
N ARG A 180 -43.28 8.88 -12.34
CA ARG A 180 -44.18 10.00 -12.52
C ARG A 180 -43.46 11.34 -12.56
N ILE A 181 -42.27 11.43 -11.96
CA ILE A 181 -41.57 12.70 -11.98
C ILE A 181 -41.05 13.06 -13.37
N PHE A 182 -41.07 12.16 -14.33
CA PHE A 182 -40.50 12.45 -15.64
C PHE A 182 -41.52 12.76 -16.68
N ALA A 183 -42.77 12.67 -16.33
CA ALA A 183 -43.83 12.86 -17.29
C ALA A 183 -43.77 14.18 -17.98
N GLY A 184 -43.66 14.14 -19.29
CA GLY A 184 -43.64 15.34 -20.08
C GLY A 184 -42.32 16.01 -20.13
N LYS A 185 -41.25 15.32 -19.73
CA LYS A 185 -40.00 16.05 -19.66
C LYS A 185 -38.95 15.47 -20.61
N ARG A 186 -37.96 16.31 -20.93
CA ARG A 186 -36.76 15.89 -21.62
C ARG A 186 -35.76 15.49 -20.56
N VAL A 187 -35.42 14.20 -20.51
CA VAL A 187 -34.60 13.65 -19.43
C VAL A 187 -33.24 13.23 -19.97
N LEU A 188 -32.20 13.55 -19.22
CA LEU A 188 -30.86 13.03 -19.44
C LEU A 188 -30.43 12.16 -18.23
N VAL A 189 -30.36 10.84 -18.44
CA VAL A 189 -29.86 9.90 -17.42
C VAL A 189 -28.37 9.64 -17.64
N ILE A 190 -27.56 9.80 -16.58
CA ILE A 190 -26.10 9.67 -16.65
C ILE A 190 -25.66 8.52 -15.75
N GLY A 191 -25.11 7.47 -16.35
CA GLY A 191 -24.49 6.39 -15.61
C GLY A 191 -25.19 5.10 -15.96
N ASN A 192 -24.49 3.97 -15.94
CA ASN A 192 -25.08 2.74 -16.44
C ASN A 192 -24.87 1.58 -15.47
N GLY A 193 -24.92 1.88 -14.17
CA GLY A 193 -25.21 0.88 -13.16
C GLY A 193 -26.66 0.45 -13.22
N VAL A 194 -27.07 -0.35 -12.23
CA VAL A 194 -28.45 -0.83 -12.26
C VAL A 194 -29.43 0.35 -12.13
N SER A 195 -29.07 1.36 -11.33
CA SER A 195 -29.92 2.53 -11.14
C SER A 195 -30.19 3.26 -12.45
N GLY A 196 -29.12 3.66 -13.15
CA GLY A 196 -29.27 4.26 -14.47
C GLY A 196 -30.08 3.39 -15.41
N MET A 197 -29.85 2.07 -15.38
CA MET A 197 -30.64 1.18 -16.22
C MET A 197 -32.13 1.25 -15.89
N ASP A 198 -32.48 1.14 -14.61
CA ASP A 198 -33.89 1.04 -14.26
C ASP A 198 -34.58 2.39 -14.41
N ILE A 199 -33.87 3.46 -14.05
CA ILE A 199 -34.43 4.79 -14.20
C ILE A 199 -34.60 5.14 -15.68
N ALA A 200 -33.53 4.99 -16.48
CA ALA A 200 -33.64 5.21 -17.93
C ALA A 200 -34.76 4.37 -18.54
N GLU A 201 -34.88 3.10 -18.15
CA GLU A 201 -35.94 2.28 -18.72
C GLU A 201 -37.31 2.80 -18.31
N GLU A 202 -37.51 3.06 -17.01
CA GLU A 202 -38.79 3.57 -16.56
C GLU A 202 -39.09 4.97 -17.09
N ALA A 203 -38.06 5.82 -17.21
CA ALA A 203 -38.29 7.14 -17.79
C ALA A 203 -38.82 7.03 -19.21
N SER A 204 -38.40 6.00 -19.95
CA SER A 204 -38.76 5.84 -21.36
C SER A 204 -40.22 5.49 -21.57
N HIS A 205 -40.99 5.30 -20.52
CA HIS A 205 -42.42 5.07 -20.64
C HIS A 205 -43.25 6.29 -20.27
N VAL A 206 -42.61 7.44 -20.00
CA VAL A 206 -43.38 8.59 -19.58
C VAL A 206 -42.76 9.78 -20.29
N ALA A 207 -41.44 9.93 -20.21
CA ALA A 207 -40.84 11.18 -20.65
C ALA A 207 -41.12 11.60 -22.08
N SER A 208 -41.00 12.91 -22.32
CA SER A 208 -41.03 13.42 -23.68
C SER A 208 -39.89 12.85 -24.51
N ALA A 209 -38.71 12.73 -23.90
CA ALA A 209 -37.52 12.17 -24.54
C ALA A 209 -36.55 11.71 -23.45
N VAL A 210 -35.90 10.56 -23.68
CA VAL A 210 -34.89 10.06 -22.73
C VAL A 210 -33.55 9.93 -23.45
N PHE A 211 -32.53 10.62 -22.94
CA PHE A 211 -31.16 10.49 -23.43
C PHE A 211 -30.32 9.80 -22.35
N TRP A 212 -29.65 8.73 -22.73
CA TRP A 212 -28.88 7.91 -21.79
C TRP A 212 -27.38 8.02 -22.07
N SER A 213 -26.65 8.58 -21.13
CA SER A 213 -25.22 8.82 -21.25
C SER A 213 -24.42 7.78 -20.46
N MET A 214 -23.33 7.27 -21.06
CA MET A 214 -22.47 6.32 -20.38
C MET A 214 -21.11 6.33 -21.06
N ARG A 215 -20.09 5.91 -20.32
CA ARG A 215 -18.73 5.93 -20.84
C ARG A 215 -18.24 4.61 -21.40
N SER A 216 -18.88 3.51 -21.07
CA SER A 216 -18.29 2.20 -21.32
C SER A 216 -19.35 1.14 -21.07
N LEU A 217 -19.34 0.08 -21.87
CA LEU A 217 -20.47 -0.84 -21.81
C LEU A 217 -20.25 -1.93 -20.76
N ARG A 218 -21.34 -2.41 -20.20
CA ARG A 218 -21.29 -3.42 -19.16
C ARG A 218 -22.16 -4.59 -19.56
N LEU A 219 -21.93 -5.72 -18.91
CA LEU A 219 -22.73 -6.89 -19.20
C LEU A 219 -24.06 -6.82 -18.44
N VAL A 220 -25.16 -7.00 -19.17
CA VAL A 220 -26.51 -7.00 -18.60
C VAL A 220 -27.16 -8.34 -18.88
N LEU A 221 -27.72 -8.95 -17.85
CA LEU A 221 -28.60 -10.10 -18.00
C LEU A 221 -29.94 -9.79 -17.38
N PRO A 222 -31.01 -10.40 -17.86
CA PRO A 222 -32.30 -10.32 -17.18
C PRO A 222 -32.32 -11.21 -15.94
N ARG A 223 -33.42 -11.14 -15.19
CA ARG A 223 -33.47 -11.90 -13.95
C ARG A 223 -33.54 -13.39 -14.25
N MET A 224 -34.42 -13.81 -15.15
CA MET A 224 -34.46 -15.19 -15.61
C MET A 224 -33.60 -15.31 -16.86
N VAL A 225 -32.67 -16.26 -16.86
CA VAL A 225 -31.89 -16.62 -18.03
C VAL A 225 -32.38 -17.99 -18.46
N GLY A 226 -33.26 -18.02 -19.46
CA GLY A 226 -33.89 -19.26 -19.86
C GLY A 226 -35.07 -19.53 -18.97
N TYR A 227 -35.15 -20.74 -18.43
CA TYR A 227 -36.18 -21.09 -17.46
C TYR A 227 -35.59 -21.26 -16.06
N LEU A 228 -34.43 -20.68 -15.81
CA LEU A 228 -33.82 -20.70 -14.50
C LEU A 228 -33.30 -19.31 -14.17
N PRO A 229 -33.30 -18.94 -12.88
CA PRO A 229 -32.74 -17.64 -12.48
C PRO A 229 -31.29 -17.46 -12.90
N ASN A 230 -30.93 -16.20 -13.10
CA ASN A 230 -29.55 -15.89 -13.43
C ASN A 230 -28.57 -16.50 -12.42
N ASP A 231 -28.96 -16.62 -11.14
CA ASP A 231 -28.04 -17.00 -10.06
C ASP A 231 -27.91 -18.51 -9.87
N PHE A 232 -28.66 -19.31 -10.64
CA PHE A 232 -28.53 -20.76 -10.59
C PHE A 232 -27.27 -21.10 -11.39
N ILE A 233 -26.11 -20.95 -10.76
CA ILE A 233 -24.87 -21.38 -11.37
C ILE A 233 -23.95 -21.91 -10.26
N SER A 234 -23.38 -23.09 -10.46
CA SER A 234 -22.76 -23.74 -9.30
C SER A 234 -21.28 -23.43 -9.23
N PRO A 235 -20.67 -23.56 -8.03
CA PRO A 235 -19.23 -23.22 -7.91
C PRO A 235 -18.36 -24.03 -8.86
N ALA A 236 -18.68 -25.31 -9.07
CA ALA A 236 -17.98 -26.11 -10.07
C ALA A 236 -17.95 -25.38 -11.43
N ASN A 237 -19.12 -24.97 -11.94
CA ASN A 237 -19.15 -24.17 -13.18
C ASN A 237 -18.29 -22.91 -13.06
N LEU A 238 -18.54 -22.11 -12.03
CA LEU A 238 -17.73 -20.92 -11.80
C LEU A 238 -16.23 -21.23 -11.70
N LEU A 239 -15.87 -22.49 -11.50
CA LEU A 239 -14.46 -22.84 -11.41
C LEU A 239 -13.86 -23.18 -12.77
N ILE A 240 -14.67 -23.64 -13.71
CA ILE A 240 -14.16 -23.88 -15.05
C ILE A 240 -13.69 -22.53 -15.46
N SER A 241 -13.99 -21.53 -14.64
CA SER A 241 -13.64 -20.15 -14.95
C SER A 241 -14.22 -19.75 -16.25
N LYS A 242 -13.40 -19.17 -17.12
CA LYS A 242 -13.92 -18.68 -18.37
C LYS A 242 -15.04 -17.88 -17.83
N ASP A 243 -14.73 -17.03 -16.86
CA ASP A 243 -15.79 -16.29 -16.18
C ASP A 243 -16.83 -15.92 -17.18
N ASN A 244 -18.08 -16.20 -16.85
CA ASN A 244 -19.22 -15.79 -17.69
C ASN A 244 -19.14 -16.19 -19.16
N SER A 245 -18.21 -17.04 -19.53
CA SER A 245 -18.19 -17.50 -20.91
C SER A 245 -19.33 -18.49 -20.81
N ILE A 246 -19.42 -19.15 -19.67
CA ILE A 246 -20.52 -20.09 -19.45
C ILE A 246 -21.84 -19.35 -19.48
N ILE A 247 -21.97 -18.32 -18.64
CA ILE A 247 -23.23 -17.60 -18.59
C ILE A 247 -23.60 -17.07 -19.95
N MET A 248 -22.61 -16.68 -20.73
CA MET A 248 -22.88 -16.14 -22.04
C MET A 248 -23.38 -17.25 -22.94
N GLU A 249 -22.81 -18.41 -22.78
CA GLU A 249 -23.23 -19.52 -23.58
C GLU A 249 -24.64 -19.84 -23.23
N ARG A 250 -24.94 -19.75 -21.97
CA ARG A 250 -26.26 -20.09 -21.53
C ARG A 250 -27.20 -19.12 -22.19
N LEU A 251 -26.86 -17.86 -22.14
CA LEU A 251 -27.70 -16.86 -22.74
C LEU A 251 -27.83 -17.19 -24.20
N LYS A 252 -26.69 -17.31 -24.88
CA LYS A 252 -26.82 -17.52 -26.32
C LYS A 252 -27.69 -18.73 -26.64
N ASN A 253 -27.52 -19.84 -25.90
CA ASN A 253 -28.28 -21.06 -26.18
C ASN A 253 -29.68 -21.05 -25.59
N SER A 254 -29.88 -20.39 -24.46
CA SER A 254 -31.17 -20.42 -23.79
C SER A 254 -32.00 -19.17 -24.04
N MET A 255 -31.37 -18.06 -24.42
CA MET A 255 -32.04 -16.78 -24.70
C MET A 255 -31.46 -16.27 -26.01
N PRO A 256 -31.87 -16.86 -27.14
CA PRO A 256 -31.31 -16.39 -28.43
C PRO A 256 -31.93 -15.05 -28.80
N GLU A 257 -33.26 -14.93 -28.71
CA GLU A 257 -33.94 -13.68 -29.06
C GLU A 257 -33.37 -12.51 -28.29
N TYR A 258 -33.20 -12.66 -26.96
CA TYR A 258 -32.58 -11.62 -26.15
C TYR A 258 -31.19 -11.29 -26.66
N TYR A 259 -30.44 -12.32 -27.03
CA TYR A 259 -29.05 -12.13 -27.44
C TYR A 259 -28.96 -11.33 -28.74
N GLU A 260 -29.84 -11.62 -29.70
CA GLU A 260 -29.88 -10.83 -30.93
C GLU A 260 -30.30 -9.39 -30.64
N CYS A 261 -31.39 -9.22 -29.89
CA CYS A 261 -31.83 -7.88 -29.47
C CYS A 261 -30.73 -7.13 -28.71
N TYR A 262 -30.03 -7.82 -27.80
CA TYR A 262 -28.94 -7.18 -27.07
C TYR A 262 -27.89 -6.67 -28.04
N GLN A 263 -27.60 -7.44 -29.09
CA GLN A 263 -26.62 -7.00 -30.07
C GLN A 263 -27.10 -5.80 -30.84
N LYS A 264 -28.36 -5.85 -31.30
CA LYS A 264 -28.89 -4.81 -32.15
C LYS A 264 -28.90 -3.47 -31.42
N SER A 265 -29.15 -3.48 -30.10
CA SER A 265 -29.09 -2.25 -29.31
C SER A 265 -27.75 -1.55 -29.44
N GLY A 266 -26.74 -2.23 -29.93
CA GLY A 266 -25.39 -1.71 -29.94
C GLY A 266 -24.75 -1.66 -28.58
N LEU A 267 -25.33 -2.32 -27.57
CA LEU A 267 -24.88 -2.22 -26.19
C LEU A 267 -24.20 -3.47 -25.68
N PHE A 268 -24.10 -4.50 -26.51
CA PHE A 268 -23.31 -5.67 -26.16
C PHE A 268 -21.87 -5.26 -26.07
N PRO A 269 -21.14 -5.61 -25.01
CA PRO A 269 -19.86 -4.97 -24.72
C PRO A 269 -18.74 -5.74 -25.41
N SER A 270 -17.57 -5.10 -25.48
CA SER A 270 -16.43 -5.75 -26.11
C SER A 270 -15.71 -6.65 -25.10
N LEU A 271 -14.87 -7.53 -25.63
CA LEU A 271 -13.98 -8.31 -24.77
C LEU A 271 -13.17 -7.40 -23.86
N GLU A 272 -12.53 -6.39 -24.44
CA GLU A 272 -11.81 -5.45 -23.60
C GLU A 272 -12.73 -4.80 -22.58
N ASP A 273 -14.01 -4.61 -22.93
CA ASP A 273 -15.00 -4.06 -22.00
C ASP A 273 -15.33 -5.06 -20.89
N PHE A 274 -15.51 -6.34 -21.23
CA PHE A 274 -15.91 -7.33 -20.23
C PHE A 274 -14.79 -7.64 -19.24
N ARG A 275 -13.54 -7.64 -19.70
CA ARG A 275 -12.42 -7.83 -18.79
C ARG A 275 -12.21 -6.63 -17.88
N ALA A 276 -12.57 -5.44 -18.34
CA ALA A 276 -12.40 -4.25 -17.52
C ALA A 276 -13.42 -4.18 -16.40
N ASN A 277 -14.62 -4.70 -16.63
CA ASN A 277 -15.64 -4.81 -15.57
C ASN A 277 -16.31 -6.09 -15.96
N PRO A 278 -16.18 -7.12 -15.13
CA PRO A 278 -16.72 -8.44 -15.43
C PRO A 278 -17.97 -8.65 -14.60
N PHE A 279 -18.40 -7.61 -13.89
CA PHE A 279 -19.56 -7.73 -13.03
C PHE A 279 -20.83 -7.82 -13.90
N VAL A 280 -21.69 -8.78 -13.58
CA VAL A 280 -22.94 -9.01 -14.29
C VAL A 280 -24.05 -8.17 -13.65
N HIS A 281 -24.54 -7.19 -14.38
CA HIS A 281 -25.68 -6.39 -13.95
C HIS A 281 -27.00 -7.02 -14.35
N ILE A 282 -27.99 -6.97 -13.46
CA ILE A 282 -29.30 -7.57 -13.69
C ILE A 282 -30.32 -6.47 -13.92
N ASN A 283 -30.89 -6.44 -15.12
CA ASN A 283 -31.95 -5.53 -15.50
C ASN A 283 -32.89 -6.28 -16.45
N ASP A 284 -34.18 -5.96 -16.37
CA ASP A 284 -35.26 -6.52 -17.19
C ASP A 284 -35.92 -5.43 -18.05
N GLY A 285 -35.35 -5.11 -19.20
CA GLY A 285 -36.13 -4.18 -19.99
C GLY A 285 -35.42 -3.05 -20.70
N VAL A 286 -34.34 -2.54 -20.12
CA VAL A 286 -33.70 -1.39 -20.75
C VAL A 286 -33.20 -1.74 -22.13
N ILE A 287 -32.74 -2.97 -22.34
CA ILE A 287 -32.16 -3.33 -23.65
C ILE A 287 -33.24 -3.36 -24.71
N GLN A 288 -34.42 -3.90 -24.40
CA GLN A 288 -35.53 -3.84 -25.35
C GLN A 288 -35.91 -2.39 -25.69
N ARG A 289 -35.90 -1.49 -24.71
CA ARG A 289 -36.30 -0.10 -24.97
C ARG A 289 -35.28 0.59 -25.86
N VAL A 290 -34.00 0.28 -25.68
CA VAL A 290 -32.95 0.87 -26.50
C VAL A 290 -33.02 0.33 -27.92
N ALA A 291 -33.28 -0.96 -28.05
CA ALA A 291 -33.53 -1.55 -29.36
C ALA A 291 -34.64 -0.81 -30.10
N GLU A 292 -35.72 -0.44 -29.39
CA GLU A 292 -36.89 0.13 -30.03
C GLU A 292 -36.80 1.64 -30.22
N GLY A 293 -35.64 2.23 -30.01
CA GLY A 293 -35.54 3.66 -30.15
C GLY A 293 -36.21 4.47 -29.07
N ALA A 294 -36.81 3.85 -28.05
CA ALA A 294 -37.43 4.62 -26.98
C ALA A 294 -36.41 5.41 -26.16
N ILE A 295 -35.15 4.98 -26.11
CA ILE A 295 -34.08 5.66 -25.38
C ILE A 295 -32.98 6.00 -26.38
N GLN A 296 -32.35 7.16 -26.20
CA GLN A 296 -31.27 7.59 -27.09
C GLN A 296 -29.91 7.55 -26.37
N THR A 297 -29.16 6.48 -26.59
CA THR A 297 -27.88 6.28 -25.92
C THR A 297 -26.71 6.99 -26.59
N HIS A 298 -25.85 7.57 -25.77
CA HIS A 298 -24.58 8.15 -26.18
C HIS A 298 -23.52 7.49 -25.33
N VAL A 299 -22.65 6.69 -25.95
CA VAL A 299 -21.56 6.05 -25.22
C VAL A 299 -20.34 6.90 -25.43
N GLU A 300 -20.17 7.87 -24.56
CA GLU A 300 -19.07 8.78 -24.69
C GLU A 300 -18.95 9.61 -23.45
N ASP A 301 -18.15 10.65 -23.49
CA ASP A 301 -17.95 11.50 -22.33
C ASP A 301 -18.56 12.88 -22.49
N ILE A 302 -19.24 13.34 -21.47
CA ILE A 302 -19.86 14.65 -21.50
C ILE A 302 -18.78 15.72 -21.39
N GLU A 303 -18.81 16.71 -22.27
CA GLU A 303 -17.78 17.72 -22.26
C GLU A 303 -18.09 18.79 -21.27
N ARG A 304 -19.30 19.32 -21.36
CA ARG A 304 -19.69 20.37 -20.48
C ARG A 304 -21.18 20.55 -20.53
N PHE A 305 -21.71 21.26 -19.55
CA PHE A 305 -23.12 21.49 -19.52
C PHE A 305 -23.42 22.94 -19.77
N THR A 306 -24.15 23.22 -20.82
CA THR A 306 -24.61 24.58 -21.05
C THR A 306 -25.80 24.82 -20.13
N GLY A 307 -26.34 26.03 -20.15
CA GLY A 307 -27.39 26.38 -19.19
C GLY A 307 -28.63 25.52 -19.22
N ARG A 308 -29.04 25.06 -20.40
CA ARG A 308 -30.14 24.11 -20.50
C ARG A 308 -29.82 22.93 -21.39
N GLY A 309 -28.54 22.70 -21.72
CA GLY A 309 -28.20 21.55 -22.53
C GLY A 309 -26.82 20.95 -22.23
N CYS A 310 -26.42 20.01 -23.07
CA CYS A 310 -25.28 19.17 -22.77
C CYS A 310 -24.49 18.95 -24.05
N ILE A 311 -23.16 19.05 -23.93
CA ILE A 311 -22.24 18.89 -25.05
C ILE A 311 -21.32 17.70 -24.80
N PHE A 312 -21.12 16.90 -25.85
CA PHE A 312 -20.37 15.65 -25.77
C PHE A 312 -19.03 15.74 -26.49
N SER A 313 -17.97 15.22 -25.86
CA SER A 313 -16.60 15.34 -26.37
C SER A 313 -16.39 14.61 -27.70
N ALA A 314 -16.72 13.31 -27.77
CA ALA A 314 -16.43 12.54 -28.96
C ALA A 314 -17.24 13.02 -30.16
N SER A 315 -18.55 13.05 -30.02
CA SER A 315 -19.39 13.32 -31.17
C SER A 315 -19.66 14.81 -31.40
N GLY A 316 -19.35 15.69 -30.45
CA GLY A 316 -19.73 17.08 -30.61
C GLY A 316 -21.22 17.36 -30.50
N THR A 317 -22.00 16.37 -30.05
CA THR A 317 -23.45 16.50 -29.91
C THR A 317 -23.81 17.53 -28.84
N HIS A 318 -24.85 18.32 -29.14
CA HIS A 318 -25.38 19.35 -28.26
C HIS A 318 -26.84 19.01 -28.04
N ILE A 319 -27.17 18.39 -26.91
CA ILE A 319 -28.56 18.18 -26.56
C ILE A 319 -29.10 19.46 -25.92
N GLU A 320 -30.26 19.91 -26.38
CA GLU A 320 -30.80 21.19 -25.99
C GLU A 320 -32.15 21.02 -25.28
N ASN A 321 -32.47 22.00 -24.44
CA ASN A 321 -33.70 22.01 -23.67
C ASN A 321 -33.87 20.75 -22.82
N ILE A 322 -32.88 20.52 -21.97
CA ILE A 322 -32.92 19.43 -21.02
C ILE A 322 -33.66 19.90 -19.78
N ASP A 323 -34.73 19.18 -19.42
CA ASP A 323 -35.53 19.48 -18.24
C ASP A 323 -34.90 18.91 -16.97
N MET A 324 -34.56 17.62 -16.98
CA MET A 324 -33.99 16.93 -15.83
C MET A 324 -32.76 16.16 -16.23
N VAL A 325 -31.71 16.33 -15.42
CA VAL A 325 -30.56 15.45 -15.35
C VAL A 325 -30.74 14.55 -14.12
N VAL A 326 -30.76 13.24 -14.30
CA VAL A 326 -30.71 12.29 -13.18
C VAL A 326 -29.30 11.72 -13.11
N LEU A 327 -28.55 12.11 -12.08
CA LEU A 327 -27.19 11.61 -11.88
C LEU A 327 -27.26 10.23 -11.24
N CYS A 328 -27.12 9.19 -12.07
CA CYS A 328 -27.03 7.80 -11.61
C CYS A 328 -25.51 7.63 -11.73
N THR A 329 -24.83 7.98 -10.64
CA THR A 329 -23.39 8.04 -10.58
C THR A 329 -22.98 7.31 -9.32
N GLY A 330 -23.89 6.61 -8.66
CA GLY A 330 -23.51 5.78 -7.51
C GLY A 330 -23.14 6.57 -6.25
N TYR A 331 -22.48 5.87 -5.34
CA TYR A 331 -22.32 6.32 -3.96
C TYR A 331 -20.86 6.37 -3.53
N ASP A 332 -20.52 7.41 -2.77
CA ASP A 332 -19.22 7.55 -2.12
C ASP A 332 -19.33 6.92 -0.73
N ASN A 333 -19.02 5.65 -0.60
CA ASN A 333 -19.24 4.97 0.67
C ASN A 333 -18.10 5.20 1.65
N SER A 334 -17.23 6.14 1.32
CA SER A 334 -16.13 6.47 2.20
C SER A 334 -16.60 7.25 3.42
N GLN A 335 -17.73 7.90 3.32
CA GLN A 335 -18.16 8.74 4.41
C GLN A 335 -19.03 7.97 5.34
N SER A 336 -19.30 6.73 4.99
CA SER A 336 -20.11 5.89 5.83
C SER A 336 -19.21 5.32 6.87
N PHE A 337 -17.99 5.82 6.91
CA PHE A 337 -17.01 5.33 7.85
C PHE A 337 -16.41 6.50 8.55
N ASP A 338 -17.23 7.47 8.95
CA ASP A 338 -16.72 8.63 9.67
C ASP A 338 -16.46 8.30 11.14
N TYR A 339 -17.35 7.55 11.78
CA TYR A 339 -17.15 7.27 13.19
C TYR A 339 -15.94 6.39 13.48
N VAL A 340 -15.22 5.95 12.45
CA VAL A 340 -13.94 5.27 12.61
C VAL A 340 -12.92 5.93 11.68
N LYS A 341 -12.98 7.27 11.64
CA LYS A 341 -12.10 8.07 10.79
C LYS A 341 -10.62 7.76 11.03
N GLN A 342 -10.27 7.34 12.24
CA GLN A 342 -8.85 7.14 12.54
C GLN A 342 -8.28 5.93 11.80
N PHE A 343 -9.12 5.00 11.35
CA PHE A 343 -8.72 3.76 10.72
C PHE A 343 -8.76 3.85 9.20
N SER A 344 -7.85 3.17 8.55
CA SER A 344 -7.92 2.92 7.11
C SER A 344 -8.54 1.56 6.89
N MET A 345 -9.78 1.52 6.37
CA MET A 345 -10.43 0.24 6.19
C MET A 345 -9.66 -0.66 5.23
N ARG A 346 -9.18 -0.08 4.13
CA ARG A 346 -8.43 -0.85 3.13
C ARG A 346 -7.15 -1.45 3.69
N ASP A 347 -6.47 -0.73 4.60
CA ASP A 347 -5.15 -1.14 5.07
C ASP A 347 -5.11 -1.77 6.45
N ASP A 348 -6.20 -1.78 7.18
CA ASP A 348 -6.18 -2.29 8.54
C ASP A 348 -7.06 -3.52 8.73
N PHE A 349 -7.82 -3.92 7.72
CA PHE A 349 -8.85 -4.94 7.89
C PHE A 349 -8.47 -6.15 7.04
N ALA A 350 -7.99 -7.18 7.71
CA ALA A 350 -7.75 -8.46 7.06
C ALA A 350 -8.98 -8.94 6.32
N MET A 351 -8.85 -9.05 5.00
CA MET A 351 -9.92 -9.48 4.10
C MET A 351 -10.98 -8.41 3.92
N GLY A 352 -10.61 -7.17 4.25
CA GLY A 352 -11.58 -6.09 4.39
C GLY A 352 -12.69 -6.35 5.41
N LEU A 353 -12.50 -7.30 6.34
CA LEU A 353 -13.54 -7.81 7.21
C LEU A 353 -13.26 -7.84 8.71
N PHE A 354 -11.99 -7.85 9.14
CA PHE A 354 -11.63 -7.95 10.54
C PHE A 354 -10.44 -7.04 10.77
N TYR A 355 -10.57 -6.14 11.76
CA TYR A 355 -9.48 -5.24 12.13
C TYR A 355 -8.27 -6.05 12.55
N ARG A 356 -7.15 -5.88 11.84
CA ARG A 356 -6.05 -6.85 11.92
C ARG A 356 -5.51 -7.02 13.33
N GLN A 357 -5.38 -5.93 14.05
CA GLN A 357 -4.90 -5.98 15.42
C GLN A 357 -5.98 -6.22 16.48
N ASN A 358 -7.27 -6.09 16.14
CA ASN A 358 -8.32 -6.47 17.11
C ASN A 358 -9.61 -6.76 16.39
N PRO A 359 -9.79 -7.97 15.89
CA PRO A 359 -10.94 -8.44 15.12
C PRO A 359 -12.27 -8.19 15.83
N SER A 360 -12.26 -8.01 17.14
CA SER A 360 -13.49 -7.67 17.85
C SER A 360 -14.15 -6.59 17.04
N LEU A 361 -13.36 -5.88 16.26
CA LEU A 361 -13.93 -4.89 15.36
C LEU A 361 -14.11 -5.54 13.99
N VAL A 362 -15.36 -5.76 13.59
CA VAL A 362 -15.66 -6.39 12.31
C VAL A 362 -16.32 -5.37 11.39
N ASN A 363 -16.07 -5.56 10.09
CA ASN A 363 -16.70 -4.81 8.99
C ASN A 363 -17.51 -5.77 8.12
N THR A 364 -18.78 -5.99 8.49
CA THR A 364 -19.55 -7.13 7.97
C THR A 364 -19.69 -7.12 6.46
N TYR A 365 -19.87 -5.96 5.87
CA TYR A 365 -20.06 -5.91 4.44
C TYR A 365 -18.76 -6.08 3.71
N GLY A 366 -17.64 -5.92 4.42
CA GLY A 366 -16.38 -6.00 3.70
C GLY A 366 -16.21 -4.77 2.83
N LEU A 367 -15.35 -4.89 1.83
CA LEU A 367 -15.07 -3.74 1.00
C LEU A 367 -15.18 -4.02 -0.49
N GLN A 368 -15.64 -5.20 -0.88
CA GLN A 368 -15.66 -5.58 -2.29
C GLN A 368 -17.10 -5.66 -2.80
N ASN A 369 -17.21 -6.00 -4.07
CA ASN A 369 -18.48 -6.04 -4.77
C ASN A 369 -18.98 -7.47 -4.81
N VAL A 370 -20.08 -7.72 -4.13
CA VAL A 370 -20.61 -9.07 -3.97
C VAL A 370 -21.56 -9.33 -5.13
N GLY A 371 -21.10 -10.10 -6.11
CA GLY A 371 -21.93 -10.56 -7.20
C GLY A 371 -22.37 -12.03 -7.11
N THR A 372 -23.05 -12.45 -8.17
CA THR A 372 -23.57 -13.79 -8.47
C THR A 372 -24.76 -14.20 -7.62
N THR A 373 -24.69 -14.08 -6.32
CA THR A 373 -25.87 -14.40 -5.52
C THR A 373 -26.17 -13.24 -4.56
N GLY A 374 -27.19 -13.45 -3.72
CA GLY A 374 -27.65 -12.39 -2.83
C GLY A 374 -26.63 -11.96 -1.80
N THR A 375 -26.74 -10.69 -1.39
CA THR A 375 -25.86 -10.11 -0.37
C THR A 375 -26.14 -10.69 1.02
N LEU A 376 -27.40 -10.95 1.35
CA LEU A 376 -27.75 -11.42 2.69
C LEU A 376 -26.92 -12.61 3.17
N PRO A 377 -26.88 -13.74 2.47
CA PRO A 377 -26.13 -14.89 3.00
C PRO A 377 -24.64 -14.66 3.12
N TYR A 378 -24.05 -13.79 2.29
CA TYR A 378 -22.65 -13.40 2.49
C TYR A 378 -22.48 -12.68 3.82
N LEU A 379 -23.32 -11.67 4.08
CA LEU A 379 -23.34 -11.04 5.39
C LEU A 379 -23.50 -12.06 6.51
N GLU A 380 -24.49 -12.95 6.37
CA GLU A 380 -24.72 -14.00 7.37
C GLU A 380 -23.47 -14.81 7.65
N MET A 381 -22.76 -15.22 6.59
CA MET A 381 -21.54 -15.99 6.77
C MET A 381 -20.51 -15.23 7.61
N VAL A 382 -20.26 -13.96 7.28
CA VAL A 382 -19.41 -13.13 8.13
C VAL A 382 -19.94 -13.07 9.56
N ALA A 383 -21.25 -13.03 9.73
CA ALA A 383 -21.81 -12.98 11.07
C ALA A 383 -21.52 -14.29 11.83
N ARG A 384 -21.75 -15.44 11.20
CA ARG A 384 -21.45 -16.70 11.86
C ARG A 384 -19.97 -16.80 12.20
N TRP A 385 -19.12 -16.26 11.33
CA TRP A 385 -17.68 -16.32 11.55
C TRP A 385 -17.27 -15.41 12.71
N TYR A 386 -17.79 -14.19 12.73
CA TYR A 386 -17.46 -13.28 13.83
C TYR A 386 -17.98 -13.80 15.17
N ALA A 387 -19.15 -14.44 15.18
CA ALA A 387 -19.67 -15.01 16.42
C ALA A 387 -18.67 -15.99 17.03
N GLN A 388 -17.93 -16.73 16.19
CA GLN A 388 -16.96 -17.71 16.66
C GLN A 388 -15.64 -17.07 17.05
N ILE A 389 -15.22 -16.01 16.37
CA ILE A 389 -14.05 -15.26 16.82
C ILE A 389 -14.30 -14.67 18.20
N ILE A 390 -15.56 -14.30 18.51
CA ILE A 390 -15.88 -13.72 19.83
C ILE A 390 -15.90 -14.79 20.90
N SER A 391 -16.47 -15.96 20.60
CA SER A 391 -16.48 -17.07 21.55
C SER A 391 -15.08 -17.59 21.86
N GLY A 392 -14.05 -17.09 21.18
CA GLY A 392 -12.73 -17.68 21.25
C GLY A 392 -12.59 -19.04 20.56
N ASN A 393 -13.66 -19.57 19.96
CA ASN A 393 -13.56 -20.77 19.14
C ASN A 393 -12.86 -20.56 17.77
N TYR A 394 -12.38 -19.38 17.40
CA TYR A 394 -11.70 -19.25 16.12
C TYR A 394 -10.68 -18.14 16.21
N THR A 395 -9.44 -18.44 15.81
CA THR A 395 -8.32 -17.51 15.95
C THR A 395 -7.70 -17.35 14.57
N LEU A 396 -8.11 -16.30 13.84
CA LEU A 396 -7.55 -16.08 12.50
C LEU A 396 -6.05 -16.35 12.45
N ASP A 397 -5.66 -17.27 11.55
CA ASP A 397 -4.25 -17.61 11.34
C ASP A 397 -3.55 -16.47 10.59
N ALA A 398 -2.25 -16.61 10.37
CA ALA A 398 -1.47 -15.48 9.85
C ALA A 398 -1.57 -15.31 8.34
N GLU A 399 -2.11 -16.31 7.63
CA GLU A 399 -2.46 -16.11 6.21
C GLU A 399 -3.79 -15.37 6.10
N GLU A 400 -4.76 -15.77 6.92
CA GLU A 400 -5.99 -15.01 7.09
C GLU A 400 -5.70 -13.52 7.34
N LEU A 401 -4.96 -13.21 8.42
CA LEU A 401 -4.75 -11.80 8.74
C LEU A 401 -4.03 -11.05 7.65
N ASN A 402 -3.44 -11.75 6.69
CA ASN A 402 -2.60 -11.08 5.72
C ASN A 402 -3.38 -10.44 4.60
N HIS A 403 -4.60 -10.92 4.34
CA HIS A 403 -5.27 -10.56 3.10
C HIS A 403 -5.69 -9.10 3.11
N ARG A 404 -5.70 -8.49 1.94
CA ARG A 404 -6.12 -7.11 1.79
C ARG A 404 -7.15 -7.05 0.67
N ALA A 405 -8.34 -6.54 0.99
CA ALA A 405 -9.31 -6.30 -0.06
C ALA A 405 -8.84 -5.11 -0.88
N GLY A 406 -8.87 -5.24 -2.21
CA GLY A 406 -8.32 -4.23 -3.08
C GLY A 406 -9.42 -3.46 -3.78
N GLU A 407 -9.01 -2.32 -4.34
CA GLU A 407 -9.95 -1.48 -5.05
C GLU A 407 -10.38 -2.17 -6.33
N GLY A 408 -11.68 -2.15 -6.61
CA GLY A 408 -12.21 -2.70 -7.85
C GLY A 408 -12.64 -4.15 -7.77
N GLU A 409 -12.33 -4.84 -6.69
CA GLU A 409 -12.42 -6.30 -6.69
C GLU A 409 -13.86 -6.77 -6.57
N ILE A 410 -14.10 -7.96 -7.11
CA ILE A 410 -15.42 -8.55 -7.17
C ILE A 410 -15.37 -9.86 -6.38
N VAL A 411 -16.44 -10.16 -5.69
CA VAL A 411 -16.51 -11.37 -4.89
C VAL A 411 -17.56 -12.29 -5.44
N VAL A 412 -17.15 -13.45 -5.90
CA VAL A 412 -18.09 -14.40 -6.41
C VAL A 412 -18.62 -15.08 -5.21
N ALA A 413 -19.73 -14.58 -4.72
CA ALA A 413 -20.29 -15.10 -3.50
C ALA A 413 -20.37 -16.60 -3.39
N PRO A 414 -20.90 -17.27 -4.41
CA PRO A 414 -21.03 -18.71 -4.15
C PRO A 414 -19.70 -19.33 -3.80
N LEU A 415 -18.60 -18.78 -4.32
CA LEU A 415 -17.28 -19.26 -3.93
C LEU A 415 -16.93 -18.78 -2.52
N ALA A 416 -17.19 -17.51 -2.23
CA ALA A 416 -16.94 -16.99 -0.90
C ALA A 416 -17.68 -17.81 0.15
N ASN A 417 -18.88 -18.28 -0.15
CA ASN A 417 -19.57 -19.08 0.86
C ASN A 417 -18.93 -20.45 1.02
N VAL A 418 -18.44 -21.04 -0.08
CA VAL A 418 -17.68 -22.29 0.03
C VAL A 418 -16.44 -22.06 0.90
N ILE A 419 -15.58 -21.12 0.49
CA ILE A 419 -14.36 -20.84 1.23
C ILE A 419 -14.67 -20.64 2.71
N MET A 420 -15.67 -19.82 3.03
CA MET A 420 -15.97 -19.55 4.43
C MET A 420 -16.69 -20.73 5.05
N GLY A 421 -17.66 -21.29 4.34
CA GLY A 421 -18.38 -22.43 4.85
C GLY A 421 -17.47 -23.58 5.22
N LEU A 422 -16.27 -23.65 4.58
CA LEU A 422 -15.29 -24.68 4.93
C LEU A 422 -14.58 -24.35 6.24
N LYS A 423 -14.04 -23.13 6.36
CA LYS A 423 -13.42 -22.70 7.62
C LYS A 423 -14.28 -23.06 8.84
N LEU A 424 -15.59 -22.80 8.77
CA LEU A 424 -16.50 -23.02 9.88
C LEU A 424 -17.01 -24.46 9.94
N GLY A 425 -16.55 -25.32 9.06
CA GLY A 425 -17.01 -26.68 9.04
C GLY A 425 -18.48 -26.89 8.75
N LEU A 426 -19.01 -26.21 7.71
CA LEU A 426 -20.43 -26.25 7.35
C LEU A 426 -20.70 -27.15 6.16
N LEU A 427 -19.66 -27.61 5.47
CA LEU A 427 -19.61 -28.46 4.28
C LEU A 427 -18.88 -29.77 4.57
N PRO A 428 -19.17 -30.85 3.84
CA PRO A 428 -18.44 -32.11 4.06
C PRO A 428 -16.97 -31.97 3.76
N ASP A 429 -16.15 -32.60 4.57
CA ASP A 429 -14.71 -32.38 4.45
C ASP A 429 -14.22 -32.97 3.13
N PRO A 430 -13.59 -32.18 2.28
CA PRO A 430 -12.99 -32.73 1.05
C PRO A 430 -12.05 -33.91 1.29
N LYS A 431 -11.28 -33.86 2.38
CA LYS A 431 -10.31 -34.90 2.73
C LYS A 431 -10.95 -36.22 3.19
N THR A 432 -12.25 -36.27 3.43
CA THR A 432 -12.81 -37.49 4.01
C THR A 432 -14.17 -37.76 3.38
N GLU A 433 -14.90 -36.70 3.05
CA GLU A 433 -16.15 -36.83 2.32
C GLU A 433 -16.06 -36.01 1.05
N PHE A 434 -15.25 -36.47 0.11
CA PHE A 434 -14.97 -35.72 -1.10
C PHE A 434 -16.17 -35.82 -1.98
N GLN A 435 -16.83 -36.96 -2.01
CA GLN A 435 -17.93 -37.09 -2.93
C GLN A 435 -19.00 -36.10 -2.56
N ALA A 436 -19.25 -35.94 -1.28
CA ALA A 436 -20.25 -34.98 -0.82
C ALA A 436 -19.78 -33.58 -1.04
N PHE A 437 -18.53 -33.31 -0.72
CA PHE A 437 -18.04 -32.00 -1.01
C PHE A 437 -18.37 -31.67 -2.44
N TRP A 438 -18.20 -32.61 -3.36
CA TRP A 438 -18.40 -32.37 -4.78
C TRP A 438 -19.84 -32.12 -5.10
N ARG A 439 -20.73 -32.90 -4.53
CA ARG A 439 -22.13 -32.54 -4.78
C ARG A 439 -22.41 -31.08 -4.40
N CYS A 440 -21.87 -30.65 -3.26
CA CYS A 440 -22.09 -29.27 -2.84
C CYS A 440 -21.54 -28.30 -3.87
N LEU A 441 -20.32 -28.55 -4.36
CA LEU A 441 -19.80 -27.65 -5.35
C LEU A 441 -20.63 -27.60 -6.62
N ASN A 442 -21.64 -28.46 -6.78
CA ASN A 442 -22.44 -28.50 -8.01
C ASN A 442 -23.91 -28.17 -7.81
N TYR A 443 -24.23 -27.48 -6.74
CA TYR A 443 -25.57 -27.03 -6.51
C TYR A 443 -25.41 -25.55 -6.53
N PRO A 444 -26.48 -24.81 -6.91
CA PRO A 444 -26.35 -23.36 -6.80
C PRO A 444 -26.17 -22.93 -5.35
N SER A 445 -26.06 -21.63 -5.09
CA SER A 445 -25.81 -21.16 -3.72
C SER A 445 -27.18 -21.27 -3.08
N PHE A 446 -27.40 -22.33 -2.29
CA PHE A 446 -28.67 -22.49 -1.59
C PHE A 446 -28.25 -22.39 -0.14
N PRO A 447 -28.59 -21.28 0.53
CA PRO A 447 -28.14 -21.07 1.92
C PRO A 447 -28.52 -22.18 2.90
N PRO A 448 -29.64 -22.90 2.73
CA PRO A 448 -29.93 -24.01 3.65
C PRO A 448 -28.87 -25.11 3.66
N MET A 449 -28.13 -25.23 2.56
CA MET A 449 -26.99 -26.13 2.51
C MET A 449 -26.01 -25.90 3.65
N TYR A 450 -25.90 -24.66 4.14
CA TYR A 450 -24.95 -24.28 5.16
C TYR A 450 -25.50 -24.37 6.59
N ARG A 451 -26.61 -25.09 6.79
CA ARG A 451 -27.09 -25.40 8.11
C ARG A 451 -27.37 -26.88 8.34
N LEU A 452 -26.70 -27.74 7.57
CA LEU A 452 -26.81 -29.18 7.75
C LEU A 452 -25.79 -29.78 8.72
N ARG A 453 -24.78 -29.02 9.10
CA ARG A 453 -23.73 -29.57 9.92
C ARG A 453 -22.88 -28.41 10.42
N GLY A 454 -22.24 -28.61 11.57
CA GLY A 454 -21.35 -27.63 12.16
C GLY A 454 -22.03 -26.82 13.23
N PRO A 455 -21.47 -25.64 13.52
CA PRO A 455 -22.11 -24.70 14.46
C PRO A 455 -23.57 -24.38 14.14
N HIS A 456 -24.47 -24.73 15.04
CA HIS A 456 -25.89 -24.33 14.95
C HIS A 456 -26.70 -24.72 13.74
N ALA A 457 -26.84 -26.00 13.51
CA ALA A 457 -27.58 -26.48 12.39
C ALA A 457 -29.06 -26.37 12.61
N ASP A 458 -29.82 -26.70 11.58
CA ASP A 458 -31.25 -26.61 11.66
C ASP A 458 -31.79 -27.87 11.04
N PRO A 459 -32.60 -28.59 11.80
CA PRO A 459 -33.15 -29.84 11.31
C PRO A 459 -34.04 -29.64 10.11
N GLN A 460 -34.82 -28.57 10.10
CA GLN A 460 -35.65 -28.29 8.94
C GLN A 460 -34.84 -27.84 7.71
N ALA A 461 -33.51 -27.73 7.81
CA ALA A 461 -32.73 -27.28 6.66
C ALA A 461 -32.81 -28.28 5.52
N GLN A 462 -32.60 -29.56 5.80
CA GLN A 462 -32.51 -30.52 4.71
C GLN A 462 -33.73 -30.44 3.79
N SER A 463 -34.92 -30.35 4.37
CA SER A 463 -36.13 -30.32 3.55
C SER A 463 -36.22 -29.02 2.74
N VAL A 464 -35.84 -27.89 3.34
CA VAL A 464 -35.77 -26.65 2.58
C VAL A 464 -34.80 -26.80 1.41
N LEU A 465 -33.54 -27.16 1.71
CA LEU A 465 -32.54 -27.36 0.66
C LEU A 465 -33.03 -28.31 -0.44
N SER A 466 -33.99 -29.17 -0.13
CA SER A 466 -34.42 -30.16 -1.11
C SER A 466 -35.32 -29.56 -2.16
N ARG A 467 -36.25 -28.69 -1.76
CA ARG A 467 -37.05 -27.97 -2.74
C ARG A 467 -36.16 -27.13 -3.68
N SER A 468 -35.22 -26.36 -3.12
CA SER A 468 -34.35 -25.57 -3.99
C SER A 468 -33.56 -26.43 -4.95
N VAL A 469 -33.13 -27.62 -4.52
CA VAL A 469 -32.31 -28.42 -5.42
C VAL A 469 -33.19 -29.10 -6.46
N GLN A 470 -34.43 -29.44 -6.13
CA GLN A 470 -35.35 -29.98 -7.14
C GLN A 470 -35.68 -28.96 -8.21
N ARG A 471 -35.61 -27.67 -7.89
CA ARG A 471 -35.83 -26.68 -8.93
C ARG A 471 -34.58 -26.45 -9.77
N SER A 472 -33.42 -26.78 -9.21
CA SER A 472 -32.15 -26.68 -9.93
C SER A 472 -32.07 -27.62 -11.11
N LEU A 473 -32.68 -28.80 -11.00
CA LEU A 473 -32.33 -29.95 -11.83
C LEU A 473 -32.83 -29.86 -13.26
N ILE A 474 -33.53 -28.80 -13.64
CA ILE A 474 -34.12 -28.72 -14.98
C ILE A 474 -33.22 -27.97 -15.98
N GLY A 477 -24.90 -26.83 -21.13
CA GLY A 477 -25.49 -27.11 -19.83
C GLY A 477 -24.52 -27.82 -18.89
N GLU A 478 -24.13 -29.04 -19.27
CA GLU A 478 -23.24 -29.84 -18.43
C GLU A 478 -21.73 -29.67 -18.62
N HIS A 479 -21.21 -29.81 -19.84
CA HIS A 479 -19.76 -29.76 -20.03
C HIS A 479 -19.15 -30.75 -19.09
N ASP A 480 -19.87 -31.81 -18.79
CA ASP A 480 -19.39 -32.76 -17.80
C ASP A 480 -17.92 -32.88 -17.94
N SER A 481 -17.44 -33.03 -19.16
CA SER A 481 -16.03 -33.26 -19.29
C SER A 481 -15.22 -32.24 -18.54
N GLN A 482 -15.50 -30.98 -18.80
CA GLN A 482 -14.82 -29.91 -18.12
C GLN A 482 -15.04 -30.00 -16.64
N LEU A 483 -16.23 -30.41 -16.25
CA LEU A 483 -16.52 -30.44 -14.84
C LEU A 483 -15.71 -31.52 -14.16
N GLN A 484 -15.60 -32.67 -14.81
CA GLN A 484 -14.86 -33.79 -14.24
C GLN A 484 -13.44 -33.39 -14.16
N THR A 485 -13.00 -32.62 -15.11
CA THR A 485 -11.64 -32.10 -15.00
C THR A 485 -11.49 -31.19 -13.78
N VAL A 486 -12.54 -30.45 -13.42
CA VAL A 486 -12.45 -29.67 -12.19
C VAL A 486 -12.37 -30.62 -10.99
N LYS A 487 -13.13 -31.73 -11.04
CA LYS A 487 -13.06 -32.73 -9.98
C LYS A 487 -11.66 -33.28 -9.83
N HIS A 488 -11.09 -33.79 -10.93
CA HIS A 488 -9.73 -34.31 -10.90
C HIS A 488 -8.75 -33.25 -10.37
N ARG A 489 -8.92 -32.00 -10.77
CA ARG A 489 -7.95 -30.99 -10.39
C ARG A 489 -8.12 -30.54 -8.94
N LEU A 490 -9.36 -30.56 -8.43
CA LEU A 490 -9.57 -30.32 -7.02
C LEU A 490 -8.86 -31.38 -6.21
N LEU A 491 -9.14 -32.64 -6.53
CA LEU A 491 -8.54 -33.79 -5.86
C LEU A 491 -7.02 -33.74 -5.91
N ALA A 492 -6.46 -33.59 -7.11
CA ALA A 492 -5.04 -33.34 -7.24
C ALA A 492 -4.55 -32.29 -6.23
N GLY A 493 -5.38 -31.29 -5.95
CA GLY A 493 -4.99 -30.20 -5.06
C GLY A 493 -4.99 -30.54 -3.59
N LEU A 494 -5.69 -31.62 -3.19
CA LEU A 494 -5.69 -32.06 -1.81
C LEU A 494 -4.36 -32.69 -1.39
N GLY A 495 -3.54 -33.13 -2.35
CA GLY A 495 -2.24 -33.71 -2.08
C GLY A 495 -2.25 -35.23 -2.21
N GLU A 496 -1.03 -35.79 -2.26
CA GLU A 496 -0.89 -37.23 -2.51
C GLU A 496 -1.32 -38.07 -1.31
N GLU A 497 -0.97 -37.63 -0.09
CA GLU A 497 -1.41 -38.36 1.09
C GLU A 497 -2.93 -38.46 1.15
N VAL A 498 -3.63 -37.32 1.04
CA VAL A 498 -5.09 -37.36 1.13
C VAL A 498 -5.66 -38.13 -0.04
N MET A 499 -5.05 -37.99 -1.22
CA MET A 499 -5.49 -38.79 -2.36
C MET A 499 -5.43 -40.26 -2.04
N GLN A 500 -4.25 -40.73 -1.59
CA GLN A 500 -4.11 -42.13 -1.23
C GLN A 500 -5.15 -42.55 -0.19
N ALA A 501 -5.34 -41.73 0.84
CA ALA A 501 -6.35 -42.01 1.86
C ALA A 501 -7.77 -42.10 1.25
N LEU A 502 -8.13 -41.16 0.38
CA LEU A 502 -9.45 -41.24 -0.23
C LEU A 502 -9.61 -42.51 -1.07
N LEU A 503 -8.54 -42.89 -1.76
CA LEU A 503 -8.56 -44.12 -2.54
C LEU A 503 -8.73 -45.33 -1.64
N ALA A 504 -7.87 -45.44 -0.62
CA ALA A 504 -7.97 -46.54 0.35
C ALA A 504 -9.37 -46.63 0.93
N ARG A 505 -9.83 -45.57 1.56
CA ARG A 505 -11.12 -45.60 2.23
C ARG A 505 -12.31 -45.74 1.30
N GLN A 506 -12.08 -45.80 -0.01
CA GLN A 506 -13.16 -46.03 -0.98
C GLN A 506 -14.07 -44.85 -1.27
N GLU A 507 -13.52 -43.64 -1.24
CA GLU A 507 -14.34 -42.47 -1.53
C GLU A 507 -14.19 -42.10 -2.97
N ILE A 508 -13.02 -42.37 -3.52
CA ILE A 508 -12.81 -42.11 -4.93
C ILE A 508 -12.54 -43.42 -5.66
N SER A 509 -13.05 -43.52 -6.89
CA SER A 509 -12.76 -44.66 -7.78
C SER A 509 -11.32 -44.59 -8.29
N GLN A 510 -10.92 -45.66 -9.01
CA GLN A 510 -9.55 -45.79 -9.49
C GLN A 510 -9.29 -44.84 -10.66
N GLU A 511 -10.28 -44.63 -11.54
CA GLU A 511 -10.11 -43.62 -12.57
C GLU A 511 -9.90 -42.23 -11.96
N GLU A 512 -10.81 -41.80 -11.05
CA GLU A 512 -10.68 -40.48 -10.41
C GLU A 512 -9.28 -40.30 -9.85
N TYR A 513 -8.81 -41.28 -9.10
CA TYR A 513 -7.51 -41.19 -8.46
C TYR A 513 -6.41 -41.02 -9.50
N LEU A 514 -6.45 -41.82 -10.58
CA LEU A 514 -5.31 -41.83 -11.50
C LEU A 514 -5.25 -40.55 -12.30
N GLN A 515 -6.42 -39.97 -12.64
CA GLN A 515 -6.48 -38.71 -13.37
C GLN A 515 -5.91 -37.55 -12.55
N ALA A 516 -6.37 -37.40 -11.31
CA ALA A 516 -5.74 -36.46 -10.39
C ALA A 516 -4.24 -36.64 -10.34
N GLN A 517 -3.77 -37.89 -10.43
CA GLN A 517 -2.34 -38.12 -10.49
C GLN A 517 -1.72 -37.50 -11.73
N ARG A 518 -2.48 -37.40 -12.81
CA ARG A 518 -1.95 -36.77 -14.01
C ARG A 518 -2.16 -35.25 -14.02
N CYS A 519 -3.29 -34.77 -13.48
CA CYS A 519 -3.60 -33.32 -13.47
C CYS A 519 -2.93 -32.77 -12.22
N GLY A 520 -1.61 -32.84 -12.17
CA GLY A 520 -0.88 -32.39 -11.01
C GLY A 520 -0.49 -30.94 -11.02
N GLU A 521 0.09 -30.47 -12.12
CA GLU A 521 0.61 -29.11 -12.25
C GLU A 521 -0.58 -28.18 -12.57
N ASN A 522 -1.78 -28.74 -12.69
CA ASN A 522 -2.98 -27.91 -12.78
C ASN A 522 -3.92 -27.97 -11.58
N ALA A 523 -3.39 -28.30 -10.41
CA ALA A 523 -4.22 -28.44 -9.23
C ALA A 523 -4.92 -27.20 -8.73
N ILE A 524 -6.22 -27.32 -8.48
CA ILE A 524 -7.00 -26.25 -7.87
C ILE A 524 -6.85 -26.39 -6.36
N VAL A 525 -6.37 -25.33 -5.71
CA VAL A 525 -6.39 -25.24 -4.25
C VAL A 525 -7.31 -24.09 -3.86
N LEU A 526 -8.48 -24.45 -3.32
CA LEU A 526 -9.48 -23.51 -2.82
C LEU A 526 -8.76 -22.71 -1.74
N SER A 527 -8.86 -21.39 -1.79
CA SER A 527 -8.23 -20.54 -0.79
C SER A 527 -9.07 -19.27 -0.79
N TRP A 528 -8.59 -18.25 -0.11
CA TRP A 528 -9.32 -17.00 -0.03
C TRP A 528 -9.53 -16.41 -1.42
N ASP A 529 -8.45 -16.21 -2.17
CA ASP A 529 -8.61 -15.53 -3.45
C ASP A 529 -9.29 -16.36 -4.51
N THR A 530 -9.67 -17.61 -4.19
CA THR A 530 -10.60 -18.32 -5.07
C THR A 530 -11.85 -17.52 -5.38
N GLN A 531 -12.33 -16.72 -4.43
CA GLN A 531 -13.58 -15.98 -4.57
C GLN A 531 -13.40 -14.62 -5.22
N VAL A 532 -12.19 -14.15 -5.47
CA VAL A 532 -12.00 -12.78 -5.95
C VAL A 532 -11.83 -12.77 -7.47
N ILE A 533 -12.37 -11.73 -8.11
CA ILE A 533 -12.14 -11.43 -9.51
C ILE A 533 -11.61 -10.01 -9.60
N ARG A 534 -10.51 -9.83 -10.29
CA ARG A 534 -9.92 -8.51 -10.41
C ARG A 534 -10.10 -8.01 -11.84
N PRO A 535 -10.82 -6.91 -12.05
CA PRO A 535 -10.93 -6.36 -13.40
C PRO A 535 -9.58 -5.87 -13.89
N VAL A 536 -9.48 -5.67 -15.20
CA VAL A 536 -8.20 -5.35 -15.85
C VAL A 536 -8.37 -4.06 -16.65
N LYS A 537 -7.95 -2.94 -16.06
CA LYS A 537 -7.73 -1.70 -16.82
C LYS A 537 -7.04 -0.64 -15.96
N ASP A 552 -6.14 17.76 -38.46
CA ASP A 552 -7.25 17.17 -39.21
C ASP A 552 -6.90 15.78 -39.71
N ARG A 553 -5.79 15.65 -40.44
CA ARG A 553 -5.41 14.34 -40.99
C ARG A 553 -5.28 13.31 -39.87
N LEU A 554 -4.58 13.67 -38.79
CA LEU A 554 -4.49 12.76 -37.65
C LEU A 554 -5.87 12.41 -37.10
N ALA A 555 -6.84 13.31 -37.24
CA ALA A 555 -8.21 13.02 -36.80
C ALA A 555 -8.88 12.02 -37.74
N GLU A 556 -8.78 12.24 -39.05
CA GLU A 556 -9.48 11.39 -40.01
C GLU A 556 -8.91 9.98 -40.02
N GLU A 557 -7.63 9.81 -39.66
CA GLU A 557 -7.12 8.46 -39.48
C GLU A 557 -7.75 7.84 -38.25
N ALA A 558 -7.96 8.64 -37.20
CA ALA A 558 -8.54 8.13 -35.97
C ALA A 558 -9.97 7.64 -36.19
N PHE A 559 -10.76 8.39 -36.96
CA PHE A 559 -12.11 7.97 -37.28
C PHE A 559 -12.13 6.57 -37.91
N GLN A 560 -11.48 6.41 -39.07
CA GLN A 560 -11.50 5.13 -39.77
C GLN A 560 -10.93 4.00 -38.92
N GLN A 561 -9.92 4.29 -38.10
CA GLN A 561 -9.42 3.27 -37.18
C GLN A 561 -10.52 2.83 -36.23
N ARG A 562 -11.26 3.80 -35.67
CA ARG A 562 -12.36 3.48 -34.76
C ARG A 562 -13.45 2.68 -35.46
N ILE A 563 -13.78 3.03 -36.71
CA ILE A 563 -14.87 2.35 -37.42
C ILE A 563 -14.50 0.89 -37.68
N THR A 564 -13.23 0.63 -38.02
CA THR A 564 -12.79 -0.74 -38.28
C THR A 564 -12.91 -1.60 -37.03
N GLU A 565 -12.49 -1.06 -35.87
CA GLU A 565 -12.60 -1.78 -34.59
C GLU A 565 -14.06 -2.16 -34.31
N LEU A 566 -14.99 -1.21 -34.52
CA LEU A 566 -16.41 -1.46 -34.29
C LEU A 566 -16.92 -2.56 -35.21
N MET A 567 -16.46 -2.55 -36.45
CA MET A 567 -16.79 -3.63 -37.38
C MET A 567 -16.14 -4.91 -36.94
N SER A 568 -14.92 -4.80 -36.39
CA SER A 568 -14.25 -5.96 -35.83
C SER A 568 -15.03 -6.52 -34.65
N GLN A 569 -15.41 -5.66 -33.70
CA GLN A 569 -16.21 -6.08 -32.55
C GLN A 569 -17.51 -6.75 -32.96
N THR A 570 -18.31 -6.08 -33.81
CA THR A 570 -19.63 -6.59 -34.16
C THR A 570 -19.57 -7.84 -35.03
N LEU A 571 -18.51 -8.00 -35.83
CA LEU A 571 -18.41 -9.15 -36.72
C LEU A 571 -17.71 -10.36 -36.10
N LYS A 572 -16.96 -10.18 -35.01
CA LYS A 572 -16.10 -11.24 -34.46
C LYS A 572 -15.03 -11.63 -35.49
N LEU A 573 -14.40 -10.60 -36.07
CA LEU A 573 -13.31 -10.76 -37.02
C LEU A 573 -12.14 -9.90 -36.53
N ASP A 574 -10.94 -10.21 -37.01
CA ASP A 574 -9.76 -9.49 -36.56
C ASP A 574 -9.38 -8.41 -37.57
N VAL A 575 -8.96 -7.26 -37.06
CA VAL A 575 -8.68 -6.08 -37.89
C VAL A 575 -7.78 -6.40 -39.07
N GLY A 576 -6.95 -7.43 -38.95
CA GLY A 576 -6.16 -7.85 -40.09
C GLY A 576 -7.03 -8.21 -41.29
N GLN A 577 -8.11 -8.96 -41.04
CA GLN A 577 -8.98 -9.38 -42.12
C GLN A 577 -9.86 -8.24 -42.63
N ILE A 578 -9.91 -7.10 -41.94
CA ILE A 578 -10.70 -5.96 -42.39
C ILE A 578 -9.81 -5.04 -43.20
N THR A 579 -10.18 -4.80 -44.44
CA THR A 579 -9.37 -3.99 -45.34
C THR A 579 -10.25 -2.95 -46.00
N ALA A 580 -9.60 -1.87 -46.43
CA ALA A 580 -10.30 -0.70 -46.95
C ALA A 580 -11.17 -1.05 -48.16
N ASP A 581 -10.60 -1.75 -49.13
CA ASP A 581 -11.25 -1.86 -50.42
C ASP A 581 -12.02 -3.16 -50.61
N ARG A 582 -11.94 -4.10 -49.68
CA ARG A 582 -12.77 -5.28 -49.77
C ARG A 582 -14.24 -4.88 -49.61
N HIS A 583 -15.08 -5.32 -50.54
CA HIS A 583 -16.52 -5.15 -50.39
C HIS A 583 -16.98 -5.65 -49.03
N LEU A 584 -17.87 -4.86 -48.40
CA LEU A 584 -18.34 -5.23 -47.05
C LEU A 584 -19.13 -6.54 -47.02
N SER A 585 -19.69 -6.96 -48.16
CA SER A 585 -20.57 -8.13 -48.11
C SER A 585 -19.82 -9.46 -48.06
N ASP A 586 -18.53 -9.47 -48.41
CA ASP A 586 -17.75 -10.68 -48.20
C ASP A 586 -17.65 -11.00 -46.74
N TYR A 587 -17.78 -9.97 -45.89
CA TYR A 587 -17.49 -10.08 -44.47
C TYR A 587 -18.58 -10.83 -43.71
N GLY A 588 -19.62 -11.28 -44.39
CA GLY A 588 -20.65 -12.10 -43.78
C GLY A 588 -21.44 -11.41 -42.69
N PHE A 589 -21.92 -10.19 -42.95
CA PHE A 589 -22.78 -9.50 -41.99
C PHE A 589 -24.10 -10.24 -41.86
N SER A 590 -24.88 -9.85 -40.87
CA SER A 590 -26.24 -10.30 -40.75
C SER A 590 -27.13 -9.10 -40.47
N SER A 591 -28.44 -9.31 -40.59
CA SER A 591 -29.37 -8.32 -40.07
C SER A 591 -28.98 -7.89 -38.65
N VAL A 592 -28.77 -8.86 -37.74
CA VAL A 592 -28.35 -8.57 -36.38
C VAL A 592 -27.00 -7.87 -36.34
N THR A 593 -25.99 -8.44 -37.01
CA THR A 593 -24.66 -7.87 -36.86
C THR A 593 -24.52 -6.54 -37.61
N LEU A 594 -25.25 -6.34 -38.71
CA LEU A 594 -25.17 -5.06 -39.40
C LEU A 594 -25.84 -3.96 -38.58
N THR A 595 -27.04 -4.23 -38.06
CA THR A 595 -27.67 -3.32 -37.10
C THR A 595 -26.73 -2.99 -35.94
N ALA A 596 -26.21 -4.02 -35.28
CA ALA A 596 -25.31 -3.80 -34.17
C ALA A 596 -24.15 -2.88 -34.56
N PHE A 597 -23.65 -3.06 -35.80
CA PHE A 597 -22.52 -2.28 -36.26
C PHE A 597 -22.88 -0.81 -36.47
N SER A 598 -24.10 -0.51 -36.92
CA SER A 598 -24.44 0.88 -37.17
C SER A 598 -25.06 1.59 -35.96
N ARG A 599 -25.65 0.85 -35.01
CA ARG A 599 -26.01 1.51 -33.76
C ARG A 599 -24.77 1.90 -32.98
N LYS A 600 -23.72 1.05 -33.03
CA LYS A 600 -22.48 1.41 -32.36
C LYS A 600 -21.87 2.67 -32.96
N ILE A 601 -21.97 2.84 -34.27
CA ILE A 601 -21.49 4.05 -34.91
C ILE A 601 -22.26 5.25 -34.38
N THR A 602 -23.60 5.14 -34.36
CA THR A 602 -24.45 6.23 -33.89
C THR A 602 -24.19 6.56 -32.42
N ASP A 603 -23.91 5.54 -31.60
CA ASP A 603 -23.71 5.76 -30.17
C ASP A 603 -22.45 6.57 -29.89
N GLU A 604 -21.42 6.44 -30.72
CA GLU A 604 -20.18 7.14 -30.40
C GLU A 604 -20.01 8.41 -31.18
N TYR A 605 -20.48 8.43 -32.41
CA TYR A 605 -20.48 9.64 -33.18
C TYR A 605 -21.94 9.67 -33.48
N ASN A 606 -22.61 10.78 -33.29
CA ASN A 606 -24.05 10.76 -33.45
C ASN A 606 -24.37 10.87 -34.91
N ILE A 607 -24.12 9.80 -35.65
CA ILE A 607 -24.36 9.82 -37.07
C ILE A 607 -25.39 8.75 -37.29
N ARG A 608 -26.45 9.10 -38.00
CA ARG A 608 -27.48 8.12 -38.28
C ARG A 608 -27.28 7.56 -39.67
N LEU A 609 -27.24 6.23 -39.77
CA LEU A 609 -27.07 5.56 -41.05
C LEU A 609 -28.45 5.33 -41.67
N GLN A 610 -28.78 6.11 -42.72
CA GLN A 610 -30.05 5.97 -43.40
C GLN A 610 -30.20 4.55 -43.96
N PRO A 611 -31.43 4.11 -44.29
CA PRO A 611 -31.64 2.72 -44.70
C PRO A 611 -31.00 2.34 -46.04
N PHE A 612 -30.37 3.25 -46.76
CA PHE A 612 -29.69 2.90 -47.99
C PHE A 612 -28.18 2.99 -47.88
N VAL A 613 -27.65 3.28 -46.69
CA VAL A 613 -26.24 3.59 -46.55
C VAL A 613 -25.37 2.50 -47.18
N PHE A 614 -25.77 1.23 -47.01
CA PHE A 614 -24.91 0.13 -47.42
C PHE A 614 -25.13 -0.31 -48.86
N LEU A 615 -26.24 0.11 -49.49
CA LEU A 615 -26.46 -0.15 -50.91
C LEU A 615 -25.65 0.81 -51.78
N GLU A 616 -25.22 1.92 -51.22
CA GLU A 616 -24.57 2.98 -51.94
C GLU A 616 -23.09 3.03 -51.66
N TYR A 617 -22.69 2.68 -50.46
CA TYR A 617 -21.30 2.59 -50.07
C TYR A 617 -21.05 1.13 -49.76
N THR A 618 -20.16 0.53 -50.53
CA THR A 618 -20.11 -0.91 -50.60
C THR A 618 -18.77 -1.48 -50.18
N THR A 619 -17.79 -0.63 -49.92
CA THR A 619 -16.55 -1.04 -49.27
C THR A 619 -16.38 -0.26 -47.98
N LEU A 620 -15.45 -0.72 -47.15
CA LEU A 620 -15.10 0.03 -45.95
C LEU A 620 -14.74 1.48 -46.27
N LYS A 621 -13.81 1.68 -47.20
CA LYS A 621 -13.34 3.03 -47.50
C LYS A 621 -14.47 3.91 -47.99
N ALA A 622 -15.39 3.33 -48.76
CA ALA A 622 -16.55 4.09 -49.23
C ALA A 622 -17.41 4.53 -48.05
N LEU A 623 -17.53 3.68 -47.03
CA LEU A 623 -18.41 3.95 -45.90
C LEU A 623 -17.81 4.98 -44.94
N THR A 624 -16.53 4.81 -44.56
CA THR A 624 -15.92 5.73 -43.61
C THR A 624 -15.83 7.13 -44.20
N ASP A 625 -15.52 7.24 -45.50
CA ASP A 625 -15.40 8.58 -46.07
C ASP A 625 -16.73 9.30 -46.10
N PHE A 626 -17.82 8.59 -46.43
CA PHE A 626 -19.14 9.17 -46.32
C PHE A 626 -19.43 9.61 -44.90
N LEU A 627 -19.38 8.67 -43.94
CA LEU A 627 -19.72 8.99 -42.55
C LEU A 627 -18.87 10.13 -41.99
N TYR A 628 -17.56 10.15 -42.29
CA TYR A 628 -16.72 11.23 -41.77
C TYR A 628 -17.14 12.57 -42.34
N ARG A 629 -17.67 12.57 -43.56
CA ARG A 629 -18.19 13.79 -44.15
C ARG A 629 -19.43 14.24 -43.41
N LYS A 630 -20.42 13.35 -43.32
CA LYS A 630 -21.64 13.60 -42.56
C LYS A 630 -21.33 14.04 -41.13
N TRP A 631 -20.34 13.41 -40.51
CA TRP A 631 -19.92 13.81 -39.17
C TRP A 631 -19.48 15.26 -39.11
N SER A 632 -18.70 15.70 -40.10
CA SER A 632 -18.15 17.05 -40.05
C SER A 632 -19.10 18.10 -40.60
N GLU A 633 -20.14 17.69 -41.32
CA GLU A 633 -21.20 18.61 -41.66
C GLU A 633 -22.02 19.00 -40.44
N GLN A 634 -21.97 18.20 -39.38
CA GLN A 634 -22.38 18.60 -38.03
C GLN A 634 -21.08 19.00 -37.31
N GLN A 635 -21.16 19.45 -36.08
CA GLN A 635 -19.93 19.69 -35.31
C GLN A 635 -19.06 18.47 -35.04
N PRO A 636 -17.78 18.46 -35.47
CA PRO A 636 -16.91 17.34 -35.12
C PRO A 636 -15.93 17.68 -33.98
N ALA A 637 -15.31 16.64 -33.41
CA ALA A 637 -14.34 16.76 -32.32
C ALA A 637 -14.89 17.57 -31.14
N LYS B 13 -7.45 17.99 3.87
CA LYS B 13 -6.55 19.13 3.93
C LYS B 13 -5.52 19.09 2.79
N ARG B 14 -5.69 19.97 1.78
CA ARG B 14 -4.72 20.02 0.69
C ARG B 14 -3.34 20.43 1.22
N ILE B 15 -2.30 19.79 0.70
CA ILE B 15 -0.92 20.02 1.11
C ILE B 15 -0.10 20.42 -0.09
N CYS B 16 0.67 21.50 0.05
CA CYS B 16 1.55 21.97 -1.01
C CYS B 16 2.92 21.33 -0.80
N ILE B 17 3.39 20.60 -1.81
CA ILE B 17 4.70 19.97 -1.73
C ILE B 17 5.71 20.77 -2.53
N ILE B 18 6.75 21.27 -1.85
CA ILE B 18 7.78 22.05 -2.52
C ILE B 18 8.63 21.25 -3.51
N GLY B 19 9.06 20.07 -3.10
CA GLY B 19 9.90 19.26 -3.97
C GLY B 19 9.25 18.08 -4.64
N ALA B 20 9.78 17.66 -5.78
CA ALA B 20 9.27 16.48 -6.48
C ALA B 20 10.37 15.47 -6.75
N GLY B 21 11.40 15.44 -5.90
CA GLY B 21 12.37 14.38 -5.89
C GLY B 21 11.83 13.20 -5.11
N PRO B 22 12.73 12.31 -4.65
CA PRO B 22 12.27 11.16 -3.87
C PRO B 22 11.41 11.55 -2.68
N ALA B 23 11.76 12.60 -1.92
CA ALA B 23 10.94 13.01 -0.78
C ALA B 23 9.54 13.45 -1.21
N GLY B 24 9.46 14.28 -2.26
CA GLY B 24 8.16 14.72 -2.73
C GLY B 24 7.26 13.55 -3.10
N LEU B 25 7.77 12.60 -3.86
CA LEU B 25 6.97 11.46 -4.25
C LEU B 25 6.46 10.66 -3.04
N VAL B 26 7.24 10.57 -1.97
CA VAL B 26 6.78 9.83 -0.82
C VAL B 26 5.96 10.71 0.15
N MET B 27 6.26 12.01 0.22
CA MET B 27 5.37 12.90 0.94
C MET B 27 3.97 12.90 0.34
N ALA B 28 3.87 12.69 -0.97
CA ALA B 28 2.58 12.65 -1.64
C ALA B 28 1.84 11.36 -1.32
N LYS B 29 2.54 10.22 -1.34
CA LYS B 29 1.87 8.94 -1.04
C LYS B 29 1.50 8.81 0.42
N SER B 30 2.31 9.36 1.33
CA SER B 30 1.97 9.28 2.75
C SER B 30 0.70 10.05 3.05
N LEU B 31 0.61 11.29 2.54
CA LEU B 31 -0.63 12.05 2.69
C LEU B 31 -1.79 11.45 1.91
N LEU B 32 -1.52 10.85 0.73
CA LEU B 32 -2.55 10.10 0.03
C LEU B 32 -3.09 8.94 0.86
N GLU B 33 -2.20 8.19 1.52
CA GLU B 33 -2.63 7.06 2.36
C GLU B 33 -3.64 7.51 3.42
N GLU B 34 -3.63 8.80 3.76
CA GLU B 34 -4.40 9.37 4.85
C GLU B 34 -5.62 10.15 4.36
N GLY B 35 -5.99 10.02 3.09
CA GLY B 35 -7.14 10.71 2.54
C GLY B 35 -6.94 12.16 2.18
N HIS B 36 -5.81 12.78 2.53
CA HIS B 36 -5.55 14.17 2.19
C HIS B 36 -5.10 14.34 0.73
N GLU B 37 -4.92 15.59 0.31
CA GLU B 37 -4.77 15.93 -1.10
C GLU B 37 -3.37 16.46 -1.40
N PRO B 38 -2.57 15.73 -2.15
CA PRO B 38 -1.22 16.20 -2.44
C PRO B 38 -1.18 17.10 -3.67
N VAL B 39 -0.49 18.22 -3.58
CA VAL B 39 -0.33 19.11 -4.72
C VAL B 39 1.16 19.39 -4.89
N ILE B 40 1.77 18.80 -5.91
CA ILE B 40 3.21 18.89 -6.12
C ILE B 40 3.51 20.00 -7.12
N TYR B 41 4.50 20.83 -6.81
CA TYR B 41 5.04 21.83 -7.73
C TYR B 41 6.53 21.63 -7.92
N GLU B 42 6.94 21.36 -9.15
CA GLU B 42 8.32 21.05 -9.49
C GLU B 42 8.88 22.11 -10.45
N THR B 43 10.00 22.72 -10.07
CA THR B 43 10.60 23.76 -10.90
C THR B 43 10.94 23.19 -12.24
N GLU B 44 11.34 21.93 -12.27
CA GLU B 44 11.76 21.33 -13.52
C GLU B 44 10.69 20.51 -14.18
N SER B 45 10.99 19.97 -15.35
CA SER B 45 10.01 19.20 -16.10
C SER B 45 9.91 17.71 -15.80
N VAL B 46 10.74 17.22 -14.88
CA VAL B 46 10.75 15.81 -14.56
C VAL B 46 10.81 15.56 -13.06
N LEU B 47 10.10 14.55 -12.58
CA LEU B 47 10.05 14.25 -11.15
C LEU B 47 11.19 13.27 -10.83
N GLY B 48 12.45 13.65 -11.07
CA GLY B 48 13.53 12.69 -11.02
C GLY B 48 14.28 13.05 -9.73
N GLY B 49 14.51 14.33 -9.50
CA GLY B 49 15.39 14.75 -8.42
C GLY B 49 16.79 15.07 -8.91
N ILE B 50 17.72 15.16 -7.93
CA ILE B 50 19.13 15.33 -8.25
C ILE B 50 19.59 14.23 -9.20
N TRP B 51 18.99 13.05 -9.09
CA TRP B 51 19.29 11.96 -10.00
C TRP B 51 18.95 12.27 -11.44
N ASN B 52 18.29 13.40 -11.71
CA ASN B 52 17.87 13.72 -13.06
C ASN B 52 18.83 14.75 -13.68
N TYR B 62 27.34 13.06 -10.56
CA TYR B 62 28.09 12.57 -11.71
C TYR B 62 27.63 11.23 -12.25
N ASN B 63 27.79 11.05 -13.56
CA ASN B 63 27.18 9.92 -14.28
C ASN B 63 27.69 8.56 -13.84
N SER B 64 28.74 8.49 -13.02
CA SER B 64 29.21 7.24 -12.45
C SER B 64 28.79 7.07 -10.99
N THR B 65 27.76 7.78 -10.55
CA THR B 65 27.32 7.69 -9.17
C THR B 65 26.43 6.48 -8.97
N ARG B 66 26.66 5.77 -7.86
CA ARG B 66 25.76 4.75 -7.35
C ARG B 66 25.45 5.03 -5.89
N PHE B 67 24.34 4.46 -5.42
CA PHE B 67 24.04 4.47 -4.00
C PHE B 67 25.16 3.88 -3.17
N GLN B 68 25.56 4.60 -2.13
CA GLN B 68 26.55 4.09 -1.19
C GLN B 68 26.04 2.84 -0.47
N ASN B 69 24.81 2.88 0.03
CA ASN B 69 24.27 1.78 0.82
C ASN B 69 23.50 0.75 -0.02
N SER B 70 23.19 -0.36 0.61
CA SER B 70 22.55 -1.48 -0.07
C SER B 70 21.06 -1.20 -0.30
N ALA B 71 20.50 -1.86 -1.32
CA ALA B 71 19.07 -1.73 -1.58
C ALA B 71 18.25 -2.14 -0.35
N ASP B 72 18.73 -3.12 0.41
CA ASP B 72 18.02 -3.62 1.59
C ASP B 72 17.98 -2.61 2.74
N THR B 73 18.67 -1.47 2.68
CA THR B 73 18.44 -0.46 3.71
C THR B 73 18.19 0.94 3.13
N SER B 74 18.08 1.08 1.81
CA SER B 74 17.91 2.41 1.21
C SER B 74 16.82 2.50 0.14
N PHE B 75 15.62 2.05 0.45
CA PHE B 75 14.52 2.26 -0.48
C PHE B 75 13.21 2.11 0.28
N PHE B 76 12.08 2.33 -0.39
CA PHE B 76 10.80 2.45 0.30
C PHE B 76 10.16 1.19 0.85
N SER B 77 9.66 1.31 2.09
CA SER B 77 9.18 0.17 2.88
C SER B 77 8.21 -0.71 2.12
N ASP B 78 7.36 -0.11 1.29
CA ASP B 78 6.42 -0.90 0.49
C ASP B 78 6.73 -0.88 -0.99
N PHE B 79 8.01 -0.87 -1.36
CA PHE B 79 8.38 -0.97 -2.78
C PHE B 79 9.84 -1.40 -2.88
N PRO B 80 10.10 -2.70 -3.05
CA PRO B 80 11.48 -3.18 -3.22
C PRO B 80 12.14 -2.72 -4.52
N ALA B 81 13.35 -2.15 -4.42
CA ALA B 81 14.11 -1.81 -5.62
C ALA B 81 14.41 -3.07 -6.42
N ASP B 82 14.78 -2.88 -7.69
CA ASP B 82 15.11 -4.02 -8.56
C ASP B 82 16.61 -4.25 -8.61
N THR B 83 17.07 -5.31 -7.96
CA THR B 83 18.50 -5.61 -7.92
C THR B 83 19.02 -6.26 -9.19
N THR B 84 18.18 -6.43 -10.22
CA THR B 84 18.51 -7.13 -11.46
C THR B 84 19.91 -6.77 -11.97
N ASP B 85 20.32 -5.52 -11.77
CA ASP B 85 21.63 -5.06 -12.19
C ASP B 85 22.52 -4.70 -11.00
N GLY B 86 22.14 -5.06 -9.79
CA GLY B 86 23.02 -4.88 -8.64
C GLY B 86 22.30 -4.39 -7.40
N PHE B 87 22.96 -4.56 -6.26
CA PHE B 87 22.42 -4.08 -5.01
C PHE B 87 22.71 -2.59 -4.85
N PHE B 88 23.81 -2.14 -5.45
CA PHE B 88 24.20 -0.74 -5.38
C PHE B 88 23.84 -0.13 -6.74
N LEU B 89 22.75 0.63 -6.76
CA LEU B 89 22.15 1.12 -7.99
C LEU B 89 22.67 2.49 -8.35
N GLY B 90 22.78 2.73 -9.66
CA GLY B 90 23.34 3.95 -10.18
C GLY B 90 22.31 4.95 -10.69
N VAL B 91 22.82 5.96 -11.41
CA VAL B 91 22.11 7.23 -11.59
C VAL B 91 20.78 7.01 -12.29
N ASP B 92 20.78 6.18 -13.33
CA ASP B 92 19.56 5.91 -14.06
C ASP B 92 18.76 4.79 -13.39
N GLN B 93 19.33 4.15 -12.37
CA GLN B 93 18.61 3.10 -11.65
C GLN B 93 17.67 3.68 -10.61
N VAL B 94 18.16 4.61 -9.78
CA VAL B 94 17.25 5.30 -8.86
C VAL B 94 16.08 5.88 -9.63
N ARG B 95 16.33 6.50 -10.79
CA ARG B 95 15.26 7.16 -11.53
C ARG B 95 14.18 6.16 -11.93
N ALA B 96 14.56 5.10 -12.64
CA ALA B 96 13.58 4.11 -13.06
C ALA B 96 12.70 3.69 -11.89
N TYR B 97 13.32 3.56 -10.71
CA TYR B 97 12.59 3.33 -9.48
C TYR B 97 11.63 4.49 -9.18
N LEU B 98 12.15 5.70 -9.05
CA LEU B 98 11.30 6.87 -8.83
C LEU B 98 10.16 6.97 -9.84
N GLN B 99 10.40 6.58 -11.10
CA GLN B 99 9.31 6.60 -12.08
C GLN B 99 8.26 5.54 -11.74
N ALA B 100 8.69 4.29 -11.58
CA ALA B 100 7.75 3.21 -11.24
C ALA B 100 7.09 3.41 -9.87
N TYR B 101 7.72 4.19 -8.98
CA TYR B 101 7.09 4.50 -7.70
C TYR B 101 5.84 5.32 -7.89
N ALA B 102 5.96 6.49 -8.51
CA ALA B 102 4.80 7.34 -8.72
C ALA B 102 3.72 6.63 -9.49
N SER B 103 4.13 5.81 -10.44
CA SER B 103 3.17 5.08 -11.27
C SER B 103 2.41 4.07 -10.44
N ARG B 104 3.07 3.48 -9.45
CA ARG B 104 2.42 2.49 -8.60
C ARG B 104 1.39 3.12 -7.70
N PHE B 105 1.52 4.42 -7.47
CA PHE B 105 0.61 5.11 -6.55
C PHE B 105 -0.08 6.29 -7.21
N ASP B 106 -0.28 6.23 -8.53
CA ASP B 106 -0.98 7.30 -9.25
C ASP B 106 -0.61 8.70 -8.80
N ILE B 107 0.67 8.92 -8.56
CA ILE B 107 1.11 10.23 -8.10
C ILE B 107 1.32 11.21 -9.24
N HIS B 108 1.35 10.71 -10.47
CA HIS B 108 1.62 11.57 -11.62
C HIS B 108 0.60 12.71 -11.73
N GLN B 109 -0.66 12.42 -11.44
CA GLN B 109 -1.72 13.41 -11.64
C GLN B 109 -1.59 14.65 -10.78
N TYR B 110 -0.75 14.66 -9.75
CA TYR B 110 -0.60 15.83 -8.89
C TYR B 110 0.73 16.54 -9.04
N ILE B 111 1.48 16.28 -10.10
CA ILE B 111 2.83 16.80 -10.24
C ILE B 111 2.78 17.95 -11.23
N HIS B 112 2.67 19.16 -10.69
CA HIS B 112 2.70 20.38 -11.49
C HIS B 112 4.15 20.75 -11.79
N TYR B 113 4.52 20.69 -13.07
CA TYR B 113 5.90 20.99 -13.46
C TYR B 113 6.12 22.45 -13.77
N ASN B 114 7.37 22.84 -13.97
CA ASN B 114 7.68 24.22 -14.31
C ASN B 114 6.94 25.14 -13.37
N SER B 115 7.12 24.95 -12.07
CA SER B 115 6.45 25.77 -11.08
C SER B 115 7.37 25.94 -9.90
N LYS B 116 7.53 27.16 -9.41
CA LYS B 116 8.50 27.36 -8.35
C LYS B 116 7.83 27.92 -7.09
N ILE B 117 8.64 28.11 -6.04
CA ILE B 117 8.23 28.71 -4.78
C ILE B 117 9.14 29.89 -4.46
N ILE B 118 8.54 31.02 -4.11
CA ILE B 118 9.33 32.20 -3.78
C ILE B 118 9.38 32.36 -2.27
N ALA B 119 8.22 32.30 -1.62
CA ALA B 119 8.17 32.39 -0.18
C ALA B 119 6.80 31.96 0.34
N VAL B 120 6.76 31.35 1.50
CA VAL B 120 5.48 30.98 2.09
C VAL B 120 5.07 32.00 3.14
N THR B 121 3.79 32.34 3.18
CA THR B 121 3.32 33.32 4.14
C THR B 121 3.22 32.73 5.52
N GLU B 122 4.01 33.25 6.45
CA GLU B 122 3.90 32.79 7.82
C GLU B 122 2.42 32.86 8.02
N HIS B 123 1.81 31.73 8.36
CA HIS B 123 0.37 31.73 8.46
C HIS B 123 -0.12 30.73 9.48
N GLY B 124 -0.57 31.21 10.62
CA GLY B 124 -1.15 30.30 11.60
C GLY B 124 -2.47 29.92 10.97
N ASP B 125 -2.81 30.57 9.86
CA ASP B 125 -4.03 30.25 9.14
C ASP B 125 -3.67 29.38 7.93
N GLN B 126 -4.54 29.40 6.93
CA GLN B 126 -4.20 28.81 5.65
C GLN B 126 -2.93 29.46 5.09
N TRP B 127 -1.97 28.65 4.65
CA TRP B 127 -0.75 29.17 4.06
C TRP B 127 -1.06 29.81 2.70
N LYS B 128 -0.37 30.91 2.39
CA LYS B 128 -0.38 31.49 1.05
C LYS B 128 0.96 31.21 0.38
N VAL B 129 0.90 30.55 -0.77
CA VAL B 129 2.08 30.04 -1.46
C VAL B 129 2.17 30.70 -2.83
N ASP B 130 3.36 31.20 -3.15
CA ASP B 130 3.58 31.97 -4.38
C ASP B 130 4.17 31.07 -5.46
N ILE B 131 3.27 30.46 -6.24
CA ILE B 131 3.67 29.59 -7.35
C ILE B 131 4.14 30.46 -8.50
N GLY B 132 5.27 30.10 -9.10
CA GLY B 132 5.74 30.77 -10.31
C GLY B 132 6.45 32.09 -10.08
N GLN B 136 5.57 37.17 -13.32
CA GLN B 136 4.75 35.98 -13.57
C GLN B 136 4.58 35.13 -12.31
N GLN B 137 3.68 35.53 -11.42
CA GLN B 137 3.46 34.78 -10.18
C GLN B 137 2.05 34.21 -10.17
N GLN B 138 1.73 33.56 -9.06
CA GLN B 138 0.41 32.98 -8.86
C GLN B 138 0.30 32.89 -7.35
N THR B 139 -0.86 32.53 -6.82
CA THR B 139 -0.97 32.36 -5.37
C THR B 139 -2.13 31.43 -5.00
N ARG B 140 -1.86 30.49 -4.10
CA ARG B 140 -2.89 29.53 -3.69
C ARG B 140 -3.04 29.44 -2.17
N TYR B 141 -3.91 28.55 -1.71
CA TYR B 141 -4.15 28.45 -0.27
C TYR B 141 -4.08 26.99 0.14
N PHE B 142 -3.20 26.68 1.09
CA PHE B 142 -2.94 25.32 1.51
C PHE B 142 -3.03 25.18 3.02
N ASP B 143 -3.35 23.96 3.46
CA ASP B 143 -3.45 23.65 4.88
C ASP B 143 -2.12 23.25 5.52
N GLY B 144 -1.12 22.86 4.73
CA GLY B 144 0.24 22.71 5.21
C GLY B 144 1.20 22.65 4.04
N VAL B 145 2.45 23.06 4.29
CA VAL B 145 3.49 23.05 3.25
C VAL B 145 4.60 22.09 3.65
N ALA B 146 5.01 21.25 2.69
CA ALA B 146 6.04 20.24 2.88
C ALA B 146 7.33 20.68 2.18
N MET B 147 8.42 20.80 2.95
CA MET B 147 9.69 21.28 2.39
C MET B 147 10.56 20.10 1.89
N CYS B 148 10.13 19.53 0.77
CA CYS B 148 10.85 18.45 0.10
C CYS B 148 11.95 18.96 -0.83
N HIS B 149 12.22 20.27 -0.85
CA HIS B 149 13.02 20.84 -1.92
C HIS B 149 14.33 20.19 -2.36
N GLY B 150 15.10 19.65 -1.43
CA GLY B 150 16.39 19.06 -1.74
C GLY B 150 17.46 19.58 -0.80
N ARG B 151 18.70 19.14 -1.05
CA ARG B 151 19.74 19.49 -0.10
C ARG B 151 21.10 19.82 -0.70
N TYR B 152 21.29 19.79 -2.02
CA TYR B 152 22.60 20.12 -2.60
C TYR B 152 22.49 21.07 -3.80
N LYS B 153 22.15 22.32 -3.50
CA LYS B 153 21.87 23.36 -4.49
C LYS B 153 22.98 24.38 -4.73
N HIS B 154 23.50 25.01 -3.68
CA HIS B 154 24.56 26.00 -3.83
C HIS B 154 25.85 25.47 -3.23
N PRO B 155 26.94 25.37 -4.01
CA PRO B 155 28.21 24.91 -3.44
C PRO B 155 28.83 25.83 -2.42
N PHE B 156 30.00 25.44 -1.91
CA PHE B 156 30.80 26.21 -0.99
C PHE B 156 32.25 26.23 -1.47
N ILE B 157 32.91 27.38 -1.32
CA ILE B 157 34.31 27.51 -1.72
C ILE B 157 35.05 28.19 -0.59
N PRO B 158 36.19 27.64 -0.16
CA PRO B 158 36.90 28.20 1.01
C PRO B 158 37.78 29.41 0.72
N THR B 159 38.57 29.81 1.70
CA THR B 159 39.46 30.94 1.53
C THR B 159 40.62 30.56 0.64
N ILE B 160 40.67 31.15 -0.55
CA ILE B 160 41.72 30.79 -1.49
C ILE B 160 42.76 31.91 -1.48
N PRO B 161 43.87 31.77 -0.75
CA PRO B 161 44.93 32.78 -0.83
C PRO B 161 45.43 33.00 -2.26
N GLY B 162 45.36 31.99 -3.12
CA GLY B 162 45.63 32.22 -4.53
C GLY B 162 44.45 32.73 -5.30
N LEU B 163 43.25 32.63 -4.75
CA LEU B 163 42.08 33.18 -5.41
C LEU B 163 41.97 32.92 -6.90
N ASP B 164 41.74 33.98 -7.65
CA ASP B 164 41.60 33.85 -9.09
C ASP B 164 43.00 33.86 -9.67
N GLN B 165 43.98 34.16 -8.83
CA GLN B 165 45.35 34.23 -9.31
C GLN B 165 45.76 32.91 -9.91
N PHE B 166 45.25 31.81 -9.35
CA PHE B 166 45.68 30.51 -9.84
C PHE B 166 45.36 30.33 -11.31
N GLN B 167 46.37 30.41 -12.15
CA GLN B 167 46.22 30.26 -13.58
C GLN B 167 45.59 28.93 -13.98
N GLY B 168 45.68 27.91 -13.14
CA GLY B 168 45.02 26.67 -13.43
C GLY B 168 43.52 26.81 -13.39
N GLU B 169 42.86 25.87 -14.07
CA GLU B 169 41.41 25.75 -14.01
C GLU B 169 41.00 25.35 -12.59
N VAL B 170 39.83 25.83 -12.17
CA VAL B 170 39.30 25.52 -10.85
C VAL B 170 37.86 25.05 -10.99
N LEU B 171 37.56 23.89 -10.42
CA LEU B 171 36.21 23.32 -10.43
C LEU B 171 35.82 22.90 -9.02
N HIS B 172 34.54 23.05 -8.71
CA HIS B 172 33.99 22.55 -7.46
C HIS B 172 33.07 21.36 -7.75
N SER B 173 33.34 20.24 -7.08
CA SER B 173 32.57 19.02 -7.28
C SER B 173 31.08 19.31 -7.35
N GLY B 174 30.42 18.76 -8.38
CA GLY B 174 29.04 19.07 -8.70
C GLY B 174 28.88 19.59 -10.12
N GLN B 175 29.85 20.36 -10.59
CA GLN B 175 30.00 20.52 -12.03
C GLN B 175 30.76 19.35 -12.62
N TYR B 176 31.12 18.36 -11.80
CA TYR B 176 31.92 17.23 -12.22
C TYR B 176 31.05 16.15 -12.82
N TYR B 177 31.54 15.55 -13.90
CA TYR B 177 30.93 14.43 -14.58
C TYR B 177 32.03 13.83 -15.44
N ASP B 178 32.11 12.51 -15.45
CA ASP B 178 33.16 11.85 -16.19
C ASP B 178 34.55 12.34 -15.83
N ASN B 179 35.55 11.57 -16.22
CA ASN B 179 36.94 11.91 -15.96
C ASN B 179 37.75 12.24 -17.21
N ARG B 180 37.10 12.39 -18.37
CA ARG B 180 37.78 12.85 -19.58
C ARG B 180 38.40 14.23 -19.36
N ILE B 181 37.76 15.06 -18.55
CA ILE B 181 38.26 16.38 -18.25
C ILE B 181 39.62 16.31 -17.56
N PHE B 182 39.97 15.13 -17.03
CA PHE B 182 41.35 14.80 -16.67
C PHE B 182 41.92 13.95 -17.80
N ALA B 183 42.98 14.45 -18.43
CA ALA B 183 43.61 13.68 -19.52
C ALA B 183 45.05 14.18 -19.60
N GLY B 184 45.95 13.45 -18.96
CA GLY B 184 47.32 13.87 -18.85
C GLY B 184 47.52 15.15 -18.07
N LYS B 185 46.48 15.70 -17.47
CA LYS B 185 46.56 16.98 -16.78
C LYS B 185 46.89 16.76 -15.31
N ARG B 186 47.73 17.64 -14.75
CA ARG B 186 48.12 17.51 -13.34
C ARG B 186 47.04 18.15 -12.47
N VAL B 187 46.35 17.33 -11.69
CA VAL B 187 45.18 17.78 -10.94
C VAL B 187 45.46 17.69 -9.44
N LEU B 188 44.89 18.65 -8.71
CA LEU B 188 44.90 18.65 -7.26
C LEU B 188 43.45 18.62 -6.79
N VAL B 189 43.18 17.81 -5.76
CA VAL B 189 41.87 17.70 -5.16
C VAL B 189 41.95 18.06 -3.69
N ILE B 190 41.04 18.92 -3.25
CA ILE B 190 40.86 19.29 -1.84
C ILE B 190 39.50 18.74 -1.40
N GLY B 191 39.46 18.08 -0.25
CA GLY B 191 38.13 17.62 0.20
C GLY B 191 37.99 16.13 0.47
N ASN B 192 37.64 15.79 1.70
CA ASN B 192 37.52 14.39 2.07
C ASN B 192 36.07 13.97 2.07
N GLY B 193 35.59 13.45 0.94
CA GLY B 193 34.20 13.05 0.85
C GLY B 193 33.94 12.21 -0.37
N VAL B 194 32.76 11.60 -0.42
CA VAL B 194 32.41 10.77 -1.54
C VAL B 194 32.71 11.52 -2.83
N SER B 195 32.61 12.85 -2.80
CA SER B 195 33.00 13.60 -3.98
C SER B 195 34.50 13.54 -4.25
N GLY B 196 35.29 13.95 -3.27
CA GLY B 196 36.74 13.91 -3.36
C GLY B 196 37.28 12.57 -3.77
N MET B 197 36.78 11.50 -3.16
CA MET B 197 37.29 10.15 -3.41
C MET B 197 37.01 9.76 -4.85
N ASP B 198 35.75 9.82 -5.27
CA ASP B 198 35.45 9.36 -6.61
C ASP B 198 36.22 10.13 -7.67
N ILE B 199 36.44 11.41 -7.44
CA ILE B 199 37.18 12.23 -8.40
C ILE B 199 38.60 11.73 -8.52
N ALA B 200 39.29 11.69 -7.40
CA ALA B 200 40.68 11.25 -7.41
C ALA B 200 40.83 9.85 -7.97
N GLU B 201 39.87 9.00 -7.66
CA GLU B 201 39.91 7.63 -8.19
C GLU B 201 39.70 7.61 -9.70
N GLU B 202 38.70 8.33 -10.20
CA GLU B 202 38.50 8.35 -11.65
C GLU B 202 39.56 9.18 -12.35
N ALA B 203 40.26 10.05 -11.63
CA ALA B 203 41.33 10.82 -12.25
C ALA B 203 42.54 9.95 -12.51
N SER B 204 42.91 9.13 -11.54
CA SER B 204 44.12 8.33 -11.68
C SER B 204 44.09 7.41 -12.88
N HIS B 205 42.93 7.31 -13.52
CA HIS B 205 42.82 6.50 -14.72
C HIS B 205 43.32 7.30 -15.90
N VAL B 206 43.04 8.60 -15.91
CA VAL B 206 43.46 9.45 -17.03
C VAL B 206 44.10 10.75 -16.53
N ALA B 207 45.11 10.63 -15.67
CA ALA B 207 45.81 11.81 -15.18
C ALA B 207 47.30 11.56 -14.99
N SER B 208 48.14 12.39 -15.58
CA SER B 208 49.58 12.24 -15.44
C SER B 208 49.98 12.22 -13.97
N ALA B 209 49.30 13.02 -13.18
CA ALA B 209 49.61 13.10 -11.74
C ALA B 209 48.34 13.52 -11.02
N VAL B 210 48.14 12.97 -9.82
CA VAL B 210 47.02 13.34 -8.98
C VAL B 210 47.52 13.53 -7.55
N PHE B 211 47.15 14.66 -6.97
CA PHE B 211 47.54 15.02 -5.63
C PHE B 211 46.28 15.06 -4.78
N TRP B 212 46.45 14.84 -3.48
CA TRP B 212 45.32 14.81 -2.58
C TRP B 212 45.67 15.59 -1.33
N SER B 213 44.91 16.64 -1.08
CA SER B 213 45.12 17.57 0.01
C SER B 213 44.00 17.43 1.04
N MET B 214 44.37 17.31 2.31
CA MET B 214 43.38 17.08 3.35
C MET B 214 43.68 17.85 4.60
N ARG B 215 42.67 18.15 5.39
CA ARG B 215 42.92 18.81 6.66
C ARG B 215 42.80 17.80 7.78
N LEU B 217 42.02 13.27 8.83
CA LEU B 217 41.91 11.89 8.39
C LEU B 217 40.52 11.33 8.68
N ARG B 218 39.96 10.60 7.74
CA ARG B 218 38.64 10.01 7.89
C ARG B 218 38.68 8.51 7.62
N LEU B 219 37.62 7.82 8.02
CA LEU B 219 37.53 6.39 7.79
C LEU B 219 36.78 6.11 6.50
N VAL B 220 37.34 5.23 5.68
CA VAL B 220 36.80 4.87 4.38
C VAL B 220 36.57 3.36 4.36
N LEU B 221 35.49 2.93 3.71
CA LEU B 221 35.11 1.52 3.65
C LEU B 221 34.54 1.23 2.28
N PRO B 222 34.84 0.09 1.70
CA PRO B 222 34.25 -0.25 0.42
C PRO B 222 32.77 -0.55 0.59
N ARG B 223 32.06 -0.56 -0.54
CA ARG B 223 30.64 -0.90 -0.51
C ARG B 223 30.40 -2.25 0.15
N MET B 224 31.16 -3.26 -0.24
CA MET B 224 31.08 -4.59 0.35
C MET B 224 32.18 -4.78 1.39
N VAL B 225 31.82 -4.79 2.67
CA VAL B 225 32.71 -5.28 3.73
C VAL B 225 32.54 -6.79 3.79
N GLY B 226 33.33 -7.51 3.03
CA GLY B 226 33.30 -8.95 3.11
C GLY B 226 32.40 -9.53 2.03
N TYR B 227 31.48 -10.41 2.43
CA TYR B 227 30.50 -10.90 1.48
C TYR B 227 29.11 -10.29 1.68
N LEU B 228 29.01 -9.23 2.49
CA LEU B 228 27.78 -8.54 2.81
C LEU B 228 27.94 -7.04 2.68
N PRO B 229 26.88 -6.33 2.31
CA PRO B 229 26.94 -4.87 2.22
C PRO B 229 27.46 -4.22 3.48
N ASN B 230 28.09 -3.06 3.32
CA ASN B 230 28.69 -2.37 4.47
C ASN B 230 27.63 -1.91 5.44
N ASP B 231 26.45 -1.52 4.93
CA ASP B 231 25.35 -0.95 5.71
C ASP B 231 24.63 -1.99 6.58
N PHE B 232 25.07 -3.25 6.56
CA PHE B 232 24.54 -4.30 7.44
C PHE B 232 25.27 -4.24 8.78
N ILE B 233 24.97 -3.20 9.57
CA ILE B 233 25.44 -3.14 10.95
C ILE B 233 24.23 -2.98 11.88
N SER B 234 24.22 -3.77 12.94
CA SER B 234 23.08 -3.86 13.83
C SER B 234 22.91 -2.60 14.67
N PRO B 235 21.68 -2.10 14.87
CA PRO B 235 21.48 -1.04 15.88
C PRO B 235 22.10 -1.42 17.21
N ALA B 236 21.96 -2.68 17.63
CA ALA B 236 22.59 -3.09 18.87
C ALA B 236 24.10 -2.90 18.81
N ASN B 237 24.72 -3.12 17.64
CA ASN B 237 26.13 -2.78 17.49
C ASN B 237 26.34 -1.28 17.64
N LEU B 238 25.54 -0.47 16.93
CA LEU B 238 25.74 0.96 16.93
C LEU B 238 25.48 1.57 18.30
N LEU B 239 24.94 0.77 19.22
CA LEU B 239 24.70 1.19 20.60
C LEU B 239 25.83 0.82 21.54
N ILE B 240 26.81 0.06 21.09
CA ILE B 240 27.95 -0.24 21.95
C ILE B 240 28.63 1.04 22.40
N SER B 241 28.70 2.03 21.50
CA SER B 241 29.21 3.35 21.86
C SER B 241 28.58 4.43 21.00
N LYS B 242 28.79 5.68 21.42
CA LYS B 242 28.34 6.82 20.64
C LYS B 242 29.35 7.17 19.57
N ASP B 243 30.64 7.05 19.87
CA ASP B 243 31.64 7.32 18.84
C ASP B 243 31.70 6.22 17.79
N ASN B 244 31.15 5.03 18.10
CA ASN B 244 31.19 3.88 17.21
C ASN B 244 32.61 3.46 16.85
N SER B 245 33.53 3.53 17.82
CA SER B 245 34.90 3.16 17.51
C SER B 245 35.08 1.68 17.27
N ILE B 246 34.03 0.85 17.42
CA ILE B 246 34.16 -0.58 17.13
C ILE B 246 34.48 -0.82 15.66
N ILE B 247 34.01 0.05 14.76
CA ILE B 247 34.20 -0.21 13.33
C ILE B 247 35.68 -0.25 12.98
N MET B 248 36.49 0.62 13.59
CA MET B 248 37.95 0.52 13.42
C MET B 248 38.48 -0.80 13.94
N GLU B 249 38.31 -1.06 15.25
CA GLU B 249 38.84 -2.29 15.84
C GLU B 249 38.34 -3.55 15.14
N ARG B 250 37.20 -3.48 14.47
CA ARG B 250 36.69 -4.56 13.64
C ARG B 250 37.19 -4.51 12.21
N LEU B 251 37.99 -3.52 11.83
CA LEU B 251 38.41 -3.46 10.44
C LEU B 251 39.61 -4.38 10.19
N LYS B 252 40.55 -4.43 11.14
CA LYS B 252 41.72 -5.29 10.97
C LYS B 252 41.33 -6.76 10.83
N ASN B 253 40.37 -7.22 11.63
CA ASN B 253 40.00 -8.62 11.61
C ASN B 253 38.97 -8.94 10.53
N SER B 254 37.97 -8.09 10.32
CA SER B 254 36.99 -8.36 9.26
C SER B 254 37.68 -8.47 7.92
N MET B 255 38.33 -7.38 7.49
CA MET B 255 39.04 -7.31 6.22
C MET B 255 40.54 -7.23 6.53
N PRO B 256 41.27 -8.36 6.57
CA PRO B 256 42.71 -8.25 6.75
C PRO B 256 43.41 -7.69 5.53
N GLU B 257 43.02 -8.13 4.32
CA GLU B 257 43.68 -7.63 3.13
C GLU B 257 43.50 -6.13 3.00
N TYR B 258 42.25 -5.67 3.06
CA TYR B 258 41.98 -4.25 2.92
C TYR B 258 42.75 -3.45 3.97
N TYR B 259 42.87 -4.00 5.18
CA TYR B 259 43.47 -3.22 6.25
C TYR B 259 44.99 -3.12 6.10
N GLU B 260 45.66 -4.14 5.57
CA GLU B 260 47.11 -3.99 5.38
C GLU B 260 47.41 -3.08 4.18
N CYS B 261 46.65 -3.22 3.11
CA CYS B 261 46.67 -2.22 2.06
C CYS B 261 46.35 -0.83 2.60
N TYR B 262 45.53 -0.74 3.65
CA TYR B 262 45.11 0.55 4.16
C TYR B 262 46.26 1.26 4.85
N GLN B 263 46.99 0.55 5.69
CA GLN B 263 48.14 1.13 6.35
C GLN B 263 49.15 1.58 5.33
N LYS B 264 49.27 0.84 4.23
CA LYS B 264 50.26 1.17 3.20
C LYS B 264 49.99 2.50 2.55
N SER B 265 48.83 3.09 2.83
CA SER B 265 48.52 4.38 2.27
C SER B 265 48.78 5.50 3.26
N GLY B 266 49.03 5.15 4.53
CA GLY B 266 49.21 6.19 5.51
C GLY B 266 47.94 6.90 5.92
N LEU B 267 46.82 6.64 5.23
CA LEU B 267 45.57 7.37 5.45
C LEU B 267 44.73 6.82 6.61
N PHE B 268 45.27 5.88 7.40
CA PHE B 268 44.51 5.25 8.48
C PHE B 268 44.38 6.15 9.69
N PRO B 269 43.19 6.69 9.96
CA PRO B 269 43.03 7.59 11.09
C PRO B 269 43.22 6.84 12.38
N SER B 270 43.52 7.58 13.43
CA SER B 270 43.50 7.04 14.79
C SER B 270 42.20 7.47 15.48
N LEU B 271 41.98 6.92 16.66
CA LEU B 271 40.77 7.26 17.41
C LEU B 271 40.65 8.76 17.62
N GLU B 272 41.78 9.47 17.63
CA GLU B 272 41.74 10.93 17.73
C GLU B 272 41.06 11.54 16.51
N ASP B 273 41.49 11.15 15.31
CA ASP B 273 40.82 11.64 14.11
C ASP B 273 39.46 11.00 13.92
N PHE B 274 39.26 9.80 14.45
CA PHE B 274 37.95 9.17 14.33
C PHE B 274 36.95 9.83 15.27
N ARG B 275 37.33 10.02 16.55
CA ARG B 275 36.48 10.79 17.45
C ARG B 275 36.29 12.21 16.95
N ALA B 276 37.28 12.74 16.26
CA ALA B 276 37.12 14.05 15.65
C ALA B 276 36.00 13.91 14.62
N ASN B 277 36.17 13.01 13.66
CA ASN B 277 35.13 12.77 12.66
C ASN B 277 34.87 11.29 12.51
N PRO B 278 33.78 10.80 13.11
CA PRO B 278 33.46 9.37 13.05
C PRO B 278 32.72 9.03 11.76
N PHE B 279 32.16 10.04 11.10
CA PHE B 279 31.41 9.79 9.88
C PHE B 279 32.15 8.85 8.95
N VAL B 280 31.48 7.80 8.50
CA VAL B 280 32.13 6.82 7.64
C VAL B 280 31.77 7.12 6.19
N HIS B 281 32.78 7.26 5.34
CA HIS B 281 32.57 7.50 3.91
C HIS B 281 32.88 6.24 3.10
N ILE B 282 32.13 6.03 2.02
CA ILE B 282 32.11 4.77 1.30
C ILE B 282 32.61 4.99 -0.13
N ASN B 283 33.81 4.48 -0.41
CA ASN B 283 34.31 4.49 -1.79
C ASN B 283 35.10 3.22 -2.06
N ASP B 284 35.03 2.76 -3.31
CA ASP B 284 35.72 1.55 -3.73
C ASP B 284 37.01 1.92 -4.46
N GLY B 285 38.10 2.12 -3.72
CA GLY B 285 39.40 2.03 -4.36
C GLY B 285 40.49 3.09 -4.25
N VAL B 286 40.19 4.32 -3.81
CA VAL B 286 41.27 5.29 -3.67
C VAL B 286 42.33 4.78 -2.71
N ILE B 287 41.91 4.32 -1.52
CA ILE B 287 42.88 3.78 -0.56
C ILE B 287 43.84 2.83 -1.27
N GLN B 288 43.37 2.12 -2.30
CA GLN B 288 44.25 1.26 -3.08
C GLN B 288 45.15 2.07 -4.00
N ARG B 289 44.61 3.10 -4.66
CA ARG B 289 45.43 3.90 -5.57
C ARG B 289 46.59 4.55 -4.84
N VAL B 290 46.31 5.16 -3.68
CA VAL B 290 47.36 5.86 -2.93
C VAL B 290 48.52 4.92 -2.62
N ALA B 291 48.22 3.69 -2.22
CA ALA B 291 49.27 2.71 -2.01
C ALA B 291 49.79 2.10 -3.31
N GLU B 292 49.10 2.32 -4.41
CA GLU B 292 49.69 2.00 -5.71
C GLU B 292 50.61 3.09 -6.22
N GLY B 293 50.75 4.19 -5.49
CA GLY B 293 51.53 5.33 -5.94
C GLY B 293 50.77 6.39 -6.72
N ALA B 294 49.70 6.02 -7.43
CA ALA B 294 49.00 6.89 -8.37
C ALA B 294 48.39 8.14 -7.72
N ILE B 295 48.43 8.30 -6.40
CA ILE B 295 47.99 9.54 -5.78
C ILE B 295 49.01 9.91 -4.71
N GLN B 296 49.28 11.20 -4.58
CA GLN B 296 50.17 11.72 -3.56
C GLN B 296 49.35 12.53 -2.56
N THR B 297 49.34 12.09 -1.31
CA THR B 297 48.51 12.65 -0.26
C THR B 297 49.34 13.59 0.60
N HIS B 298 48.72 14.66 1.06
CA HIS B 298 49.45 15.71 1.75
C HIS B 298 49.05 15.85 3.21
N VAL B 299 47.78 15.61 3.54
CA VAL B 299 47.29 15.58 4.93
C VAL B 299 47.64 16.92 5.57
N GLU B 300 47.29 18.00 4.88
CA GLU B 300 47.62 19.36 5.28
C GLU B 300 46.77 20.32 4.46
N ASP B 301 46.29 21.37 5.12
CA ASP B 301 45.51 22.39 4.44
C ASP B 301 46.40 23.30 3.60
N ILE B 302 45.78 23.99 2.65
CA ILE B 302 46.48 24.95 1.82
C ILE B 302 47.13 26.00 2.70
N GLU B 303 48.42 26.25 2.47
CA GLU B 303 49.05 27.45 3.03
C GLU B 303 48.91 28.69 2.15
N ARG B 304 49.23 28.55 0.86
CA ARG B 304 49.11 29.62 -0.12
C ARG B 304 49.06 28.93 -1.47
N PHE B 305 48.32 29.53 -2.41
CA PHE B 305 48.34 29.12 -3.81
C PHE B 305 49.31 29.97 -4.60
N THR B 306 50.24 29.32 -5.32
CA THR B 306 51.05 30.02 -6.30
C THR B 306 50.17 30.34 -7.52
N GLY B 307 50.67 31.20 -8.40
CA GLY B 307 49.92 31.45 -9.61
C GLY B 307 49.66 30.19 -10.40
N ARG B 308 50.49 29.17 -10.18
CA ARG B 308 50.45 27.87 -10.84
C ARG B 308 50.99 26.78 -9.92
N GLY B 309 50.76 26.93 -8.63
CA GLY B 309 51.10 25.93 -7.66
C GLY B 309 50.44 26.18 -6.32
N CYS B 310 50.91 25.46 -5.31
CA CYS B 310 50.26 25.40 -4.01
C CYS B 310 51.33 25.12 -2.97
N ILE B 311 51.10 25.55 -1.74
CA ILE B 311 52.05 25.36 -0.64
C ILE B 311 51.30 24.77 0.55
N PHE B 312 52.08 24.15 1.46
CA PHE B 312 51.52 23.44 2.60
C PHE B 312 52.19 23.88 3.90
N SER B 313 51.37 24.08 4.93
CA SER B 313 51.82 24.74 6.16
C SER B 313 52.94 23.97 6.86
N ALA B 314 52.68 22.71 7.20
CA ALA B 314 53.68 21.93 7.93
C ALA B 314 54.67 21.23 7.01
N SER B 315 54.19 20.60 5.94
CA SER B 315 55.08 19.94 5.00
C SER B 315 56.03 20.92 4.33
N GLY B 316 55.65 22.19 4.26
CA GLY B 316 56.47 23.18 3.59
C GLY B 316 56.76 22.83 2.15
N THR B 317 55.85 22.14 1.47
CA THR B 317 56.06 21.67 0.12
C THR B 317 55.26 22.52 -0.85
N HIS B 318 55.42 22.23 -2.13
CA HIS B 318 54.79 23.05 -3.15
C HIS B 318 54.66 22.23 -4.41
N ILE B 319 53.45 22.02 -4.87
CA ILE B 319 53.22 21.39 -6.16
C ILE B 319 53.10 22.50 -7.18
N GLU B 320 53.61 22.28 -8.39
CA GLU B 320 53.62 23.30 -9.43
C GLU B 320 53.00 22.75 -10.72
N ASN B 321 52.51 23.67 -11.55
CA ASN B 321 51.80 23.33 -12.78
C ASN B 321 50.64 22.39 -12.47
N ILE B 322 49.76 22.87 -11.59
CA ILE B 322 48.54 22.14 -11.23
C ILE B 322 47.46 22.62 -12.19
N ASP B 323 47.43 22.00 -13.36
CA ASP B 323 46.49 22.40 -14.39
C ASP B 323 45.10 22.65 -13.82
N MET B 324 44.61 21.72 -12.99
CA MET B 324 43.28 21.81 -12.39
C MET B 324 43.37 21.55 -10.90
N VAL B 325 42.98 22.53 -10.11
CA VAL B 325 42.54 22.29 -8.74
C VAL B 325 41.05 22.03 -8.82
N VAL B 326 40.62 20.80 -8.52
CA VAL B 326 39.21 20.52 -8.28
C VAL B 326 38.98 20.52 -6.78
N LEU B 327 38.05 21.35 -6.35
CA LEU B 327 37.72 21.45 -4.94
C LEU B 327 36.48 20.63 -4.64
N CYS B 328 36.48 19.94 -3.51
CA CYS B 328 35.32 19.12 -3.12
C CYS B 328 34.76 19.56 -1.77
N THR B 329 34.90 20.84 -1.46
CA THR B 329 34.37 21.36 -0.20
C THR B 329 32.88 21.13 -0.09
N GLY B 330 32.24 20.71 -1.18
CA GLY B 330 30.83 20.47 -1.16
C GLY B 330 29.99 21.73 -1.01
N TYR B 331 28.70 21.48 -0.84
CA TYR B 331 27.62 22.45 -0.81
C TYR B 331 27.45 23.13 0.55
N ASP B 332 26.53 24.11 0.57
CA ASP B 332 26.23 24.93 1.74
C ASP B 332 24.81 24.69 2.21
N ASN B 333 24.60 24.68 3.53
CA ASN B 333 23.26 24.44 4.06
C ASN B 333 22.44 25.73 4.09
N SER B 334 23.02 26.83 4.59
CA SER B 334 22.29 28.08 4.79
C SER B 334 21.64 28.59 3.50
N GLN B 335 22.18 28.24 2.35
CA GLN B 335 21.62 28.72 1.09
C GLN B 335 20.23 28.13 0.87
N VAL B 340 12.13 30.80 2.33
CA VAL B 340 11.44 30.95 3.61
C VAL B 340 12.29 31.79 4.59
N LYS B 341 12.91 32.85 4.06
CA LYS B 341 13.91 33.57 4.82
C LYS B 341 13.42 34.04 6.19
N GLN B 342 12.10 34.24 6.34
CA GLN B 342 11.58 34.72 7.62
C GLN B 342 11.88 33.74 8.76
N PHE B 343 12.13 32.47 8.42
CA PHE B 343 12.47 31.43 9.39
C PHE B 343 13.98 31.26 9.44
N SER B 344 14.47 30.97 10.62
CA SER B 344 15.86 30.54 10.83
C SER B 344 15.76 29.12 11.35
N MET B 345 15.79 28.14 10.44
CA MET B 345 15.53 26.75 10.82
C MET B 345 16.38 26.33 12.03
N ARG B 346 17.62 26.82 12.11
CA ARG B 346 18.52 26.40 13.17
C ARG B 346 17.97 26.66 14.58
N ASP B 347 16.99 27.56 14.73
CA ASP B 347 16.34 27.81 16.01
C ASP B 347 14.82 27.80 15.95
N ASP B 348 14.22 27.79 14.75
CA ASP B 348 12.77 27.91 14.61
C ASP B 348 12.06 26.57 14.51
N PHE B 349 12.71 25.55 13.96
CA PHE B 349 12.04 24.26 13.73
C PHE B 349 12.29 23.31 14.89
N ALA B 350 11.24 22.62 15.31
CA ALA B 350 11.42 21.47 16.18
C ALA B 350 12.13 20.38 15.40
N MET B 351 13.13 19.74 16.04
CA MET B 351 13.94 18.67 15.46
C MET B 351 14.32 18.94 14.01
N GLY B 352 14.46 20.21 13.63
CA GLY B 352 14.70 20.55 12.25
C GLY B 352 13.67 20.02 11.27
N LEU B 353 12.61 19.39 11.76
CA LEU B 353 11.60 18.73 10.94
C LEU B 353 10.28 19.50 10.88
N PHE B 354 9.78 19.96 12.01
CA PHE B 354 8.46 20.58 12.10
C PHE B 354 8.60 21.99 12.68
N TYR B 355 7.90 22.94 12.08
CA TYR B 355 7.89 24.29 12.65
C TYR B 355 7.22 24.19 13.99
N ARG B 356 7.84 24.76 15.03
CA ARG B 356 7.30 24.59 16.38
C ARG B 356 5.86 25.05 16.58
N GLN B 357 5.53 26.25 16.12
CA GLN B 357 4.19 26.79 16.34
C GLN B 357 3.13 26.08 15.53
N ASN B 358 3.42 25.79 14.27
CA ASN B 358 2.48 25.06 13.43
C ASN B 358 3.24 24.01 12.65
N PRO B 359 3.16 22.76 13.10
CA PRO B 359 3.86 21.68 12.42
C PRO B 359 3.38 21.46 10.99
N SER B 360 2.37 22.19 10.56
CA SER B 360 1.94 22.10 9.17
C SER B 360 3.15 22.30 8.29
N LEU B 361 3.93 23.33 8.58
CA LEU B 361 5.18 23.54 7.85
C LEU B 361 6.16 22.45 8.29
N VAL B 362 6.60 21.62 7.35
CA VAL B 362 7.46 20.49 7.66
C VAL B 362 8.70 20.55 6.79
N ASN B 363 9.87 20.27 7.36
CA ASN B 363 11.10 20.20 6.57
C ASN B 363 11.54 18.76 6.57
N THR B 364 11.14 18.00 5.56
CA THR B 364 11.42 16.57 5.54
C THR B 364 12.88 16.18 5.76
N TYR B 365 13.80 16.77 5.01
CA TYR B 365 15.18 16.35 5.11
C TYR B 365 15.83 16.58 6.48
N GLY B 366 15.19 17.33 7.37
CA GLY B 366 15.83 17.62 8.64
C GLY B 366 17.10 18.42 8.47
N LEU B 367 17.85 18.62 9.57
CA LEU B 367 18.98 19.53 9.57
C LEU B 367 20.24 18.85 10.11
N GLN B 368 20.35 17.54 9.99
CA GLN B 368 21.63 16.89 10.26
C GLN B 368 21.94 15.92 9.11
N ASN B 369 23.14 15.35 9.14
CA ASN B 369 23.53 14.42 8.09
C ASN B 369 23.21 12.95 8.27
N VAL B 370 22.78 12.28 7.20
CA VAL B 370 22.43 10.86 7.27
C VAL B 370 23.61 10.05 7.73
N GLY B 371 23.36 9.00 8.51
CA GLY B 371 24.45 8.22 9.08
C GLY B 371 24.87 6.98 8.34
N THR B 372 24.65 5.81 8.92
CA THR B 372 25.16 4.58 8.32
C THR B 372 24.29 3.93 7.23
N THR B 373 23.11 4.48 6.95
CA THR B 373 22.24 3.87 5.96
C THR B 373 21.62 4.89 5.01
N GLY B 374 20.65 4.47 4.20
CA GLY B 374 20.07 5.36 3.20
C GLY B 374 19.32 6.58 3.65
N THR B 375 18.92 7.43 2.70
CA THR B 375 18.20 8.65 3.04
C THR B 375 16.71 8.50 2.79
N LEU B 376 16.35 7.83 1.72
CA LEU B 376 14.95 7.60 1.40
C LEU B 376 14.20 6.97 2.58
N PRO B 377 14.70 5.86 3.22
CA PRO B 377 14.02 5.36 4.44
C PRO B 377 14.13 6.28 5.64
N TYR B 378 14.72 7.46 5.47
CA TYR B 378 14.60 8.53 6.45
C TYR B 378 13.57 9.57 5.99
N LEU B 379 13.53 9.85 4.69
CA LEU B 379 12.45 10.67 4.15
C LEU B 379 11.12 9.96 4.21
N GLU B 380 11.13 8.62 4.22
CA GLU B 380 9.87 7.89 4.31
C GLU B 380 9.31 7.91 5.73
N MET B 381 10.18 7.84 6.74
CA MET B 381 9.69 7.91 8.12
C MET B 381 9.13 9.30 8.43
N VAL B 382 9.77 10.35 7.93
CA VAL B 382 9.30 11.70 8.20
C VAL B 382 7.97 11.98 7.50
N ALA B 383 7.76 11.41 6.32
CA ALA B 383 6.50 11.58 5.60
C ALA B 383 5.35 10.74 6.20
N ARG B 384 5.65 9.55 6.74
CA ARG B 384 4.61 8.77 7.41
C ARG B 384 4.23 9.36 8.75
N TRP B 385 5.23 9.80 9.52
CA TRP B 385 4.97 10.52 10.77
C TRP B 385 4.18 11.81 10.51
N TYR B 386 4.64 12.62 9.53
CA TYR B 386 3.97 13.89 9.29
C TYR B 386 2.53 13.70 8.85
N ALA B 387 2.28 12.71 7.97
CA ALA B 387 0.94 12.45 7.49
C ALA B 387 0.02 11.90 8.59
N GLN B 388 0.57 11.35 9.68
CA GLN B 388 -0.30 11.01 10.79
C GLN B 388 -0.66 12.24 11.61
N ILE B 389 0.27 13.21 11.73
CA ILE B 389 0.00 14.45 12.46
C ILE B 389 -1.17 15.22 11.85
N ILE B 390 -1.13 15.45 10.53
CA ILE B 390 -2.20 16.21 9.89
C ILE B 390 -3.55 15.56 10.14
N SER B 391 -3.64 14.25 9.95
CA SER B 391 -4.86 13.52 10.25
C SER B 391 -5.27 13.65 11.71
N GLY B 392 -4.43 14.26 12.54
CA GLY B 392 -4.74 14.49 13.93
C GLY B 392 -4.45 13.32 14.84
N ASN B 393 -3.90 12.24 14.29
CA ASN B 393 -3.64 11.06 15.11
C ASN B 393 -2.49 11.34 16.08
N TYR B 394 -1.32 11.70 15.56
CA TYR B 394 -0.14 11.98 16.36
C TYR B 394 -0.11 13.46 16.75
N THR B 395 -0.15 13.75 18.06
CA THR B 395 -0.06 15.11 18.58
C THR B 395 1.25 15.26 19.37
N LEU B 396 2.03 16.29 19.04
CA LEU B 396 3.42 16.34 19.48
C LEU B 396 3.51 16.69 20.96
N ASP B 397 4.28 15.87 21.68
CA ASP B 397 4.61 16.04 23.09
C ASP B 397 5.35 17.35 23.33
N ALA B 398 5.49 17.70 24.60
CA ALA B 398 6.31 18.85 24.98
C ALA B 398 7.78 18.58 24.71
N GLU B 399 8.30 17.44 25.21
CA GLU B 399 9.72 17.13 25.03
C GLU B 399 10.11 17.07 23.56
N GLU B 400 9.15 16.74 22.67
CA GLU B 400 9.46 16.70 21.24
C GLU B 400 9.66 18.10 20.67
N LEU B 401 8.87 19.08 21.11
CA LEU B 401 9.07 20.44 20.63
C LEU B 401 10.39 21.04 21.11
N ASN B 402 10.90 20.63 22.27
CA ASN B 402 12.12 21.26 22.80
C ASN B 402 13.38 20.90 21.99
N HIS B 403 13.38 19.87 21.14
CA HIS B 403 14.61 19.56 20.43
C HIS B 403 14.89 20.60 19.35
N ARG B 404 16.15 20.68 18.92
CA ARG B 404 16.52 21.63 17.87
C ARG B 404 17.62 21.04 16.99
N ALA B 405 18.33 21.89 16.25
CA ALA B 405 19.41 21.43 15.39
C ALA B 405 20.75 21.17 16.07
N GLY B 406 21.80 20.95 15.29
CA GLY B 406 23.11 20.69 15.86
C GLY B 406 24.25 21.30 15.07
N GLU B 407 25.43 21.38 15.68
CA GLU B 407 26.60 21.96 15.01
C GLU B 407 27.11 20.94 14.00
N GLY B 408 26.44 20.91 12.85
CA GLY B 408 26.72 19.89 11.84
C GLY B 408 26.93 18.50 12.40
N GLU B 409 26.00 18.05 13.24
CA GLU B 409 26.06 16.72 13.82
C GLU B 409 25.43 15.70 12.88
N ILE B 410 25.69 14.43 13.16
CA ILE B 410 25.32 13.34 12.27
C ILE B 410 24.39 12.38 13.00
N VAL B 411 23.38 11.89 12.28
CA VAL B 411 22.35 11.04 12.85
C VAL B 411 22.53 9.63 12.31
N VAL B 412 22.66 8.67 13.21
CA VAL B 412 22.75 7.29 12.78
C VAL B 412 21.40 6.95 12.23
N ALA B 413 21.30 6.83 10.92
CA ALA B 413 20.00 6.58 10.29
C ALA B 413 19.33 5.33 10.82
N PRO B 414 20.08 4.23 11.03
CA PRO B 414 19.36 3.07 11.56
C PRO B 414 18.71 3.36 12.90
N LEU B 415 19.46 3.93 13.83
CA LEU B 415 18.91 4.24 15.14
C LEU B 415 17.74 5.21 15.02
N ALA B 416 17.84 6.15 14.10
CA ALA B 416 16.77 7.11 13.90
C ALA B 416 15.51 6.39 13.51
N ASN B 417 15.61 5.57 12.48
CA ASN B 417 14.45 4.85 12.02
C ASN B 417 13.81 4.09 13.17
N VAL B 418 14.61 3.81 14.20
CA VAL B 418 14.06 3.10 15.35
C VAL B 418 13.21 4.04 16.20
N ILE B 419 13.77 5.17 16.60
CA ILE B 419 13.04 6.08 17.50
C ILE B 419 11.74 6.52 16.85
N MET B 420 11.84 6.98 15.60
CA MET B 420 10.64 7.32 14.84
C MET B 420 9.73 6.10 14.67
N GLY B 421 10.29 4.93 14.45
CA GLY B 421 9.46 3.74 14.35
C GLY B 421 8.65 3.48 15.60
N LEU B 422 9.31 3.60 16.78
CA LEU B 422 8.65 3.35 18.06
C LEU B 422 7.46 4.28 18.27
N LYS B 423 7.69 5.58 18.11
CA LYS B 423 6.63 6.55 18.29
C LYS B 423 5.42 6.19 17.44
N LEU B 424 5.66 5.71 16.23
CA LEU B 424 4.58 5.42 15.28
C LEU B 424 3.96 4.04 15.48
N GLY B 425 4.57 3.17 16.28
CA GLY B 425 3.99 1.86 16.56
C GLY B 425 4.31 0.82 15.51
N LEU B 426 5.51 0.90 14.92
CA LEU B 426 5.95 0.00 13.87
C LEU B 426 6.96 -1.04 14.36
N LEU B 427 7.40 -0.93 15.61
CA LEU B 427 8.24 -1.94 16.22
C LEU B 427 7.53 -2.52 17.44
N PRO B 428 7.79 -3.78 17.77
CA PRO B 428 7.36 -4.29 19.07
C PRO B 428 7.81 -3.40 20.23
N ASP B 429 6.85 -3.10 21.12
CA ASP B 429 7.07 -2.27 22.31
C ASP B 429 8.18 -2.84 23.18
N PRO B 430 9.18 -2.03 23.57
CA PRO B 430 10.14 -2.51 24.58
C PRO B 430 9.46 -2.83 25.89
N LYS B 431 8.63 -1.92 26.42
CA LYS B 431 8.07 -2.08 27.76
C LYS B 431 7.29 -3.40 27.91
N THR B 432 6.67 -3.85 26.85
CA THR B 432 5.89 -5.08 26.91
C THR B 432 6.58 -6.19 26.16
N GLU B 433 6.51 -6.16 24.85
CA GLU B 433 7.13 -7.19 24.04
C GLU B 433 8.62 -6.94 23.90
N PHE B 434 9.35 -7.10 24.99
CA PHE B 434 10.79 -6.81 24.98
C PHE B 434 11.63 -7.71 24.10
N GLN B 435 11.62 -9.00 24.38
CA GLN B 435 12.49 -9.89 23.61
C GLN B 435 12.22 -9.68 22.13
N ALA B 436 10.96 -9.57 21.72
CA ALA B 436 10.67 -9.30 20.31
C ALA B 436 11.29 -7.99 19.86
N PHE B 437 11.19 -6.96 20.69
CA PHE B 437 11.85 -5.69 20.38
C PHE B 437 13.34 -5.90 20.16
N TRP B 438 14.02 -6.59 21.07
CA TRP B 438 15.47 -6.76 20.97
C TRP B 438 15.87 -7.61 19.77
N ARG B 439 14.98 -8.46 19.30
CA ARG B 439 15.27 -9.19 18.09
C ARG B 439 15.17 -8.30 16.84
N CYS B 440 14.55 -7.14 16.96
CA CYS B 440 14.51 -6.23 15.83
C CYS B 440 15.80 -5.42 15.79
N LEU B 441 16.42 -5.23 16.95
CA LEU B 441 17.63 -4.39 17.01
C LEU B 441 18.88 -5.18 16.68
N ASN B 442 18.72 -6.45 16.32
CA ASN B 442 19.88 -7.27 16.01
C ASN B 442 19.94 -7.55 14.53
N TYR B 443 19.25 -6.76 13.73
CA TYR B 443 19.36 -6.86 12.29
C TYR B 443 19.84 -5.60 11.57
N PRO B 444 20.04 -5.71 10.25
CA PRO B 444 20.33 -4.46 9.57
C PRO B 444 19.02 -3.73 9.42
N SER B 445 19.05 -2.41 9.25
CA SER B 445 17.82 -1.63 9.18
C SER B 445 17.32 -2.13 7.84
N PHE B 446 16.21 -2.84 7.87
CA PHE B 446 15.63 -3.34 6.63
C PHE B 446 14.31 -2.61 6.65
N PRO B 447 14.06 -1.76 5.65
CA PRO B 447 12.83 -0.97 5.61
C PRO B 447 11.58 -1.82 5.78
N PRO B 448 11.41 -2.93 5.05
CA PRO B 448 10.14 -3.67 5.16
C PRO B 448 9.76 -4.03 6.59
N MET B 449 10.70 -4.03 7.51
CA MET B 449 10.37 -4.31 8.91
C MET B 449 9.35 -3.33 9.45
N TYR B 450 9.20 -2.16 8.84
CA TYR B 450 8.28 -1.13 9.32
C TYR B 450 6.93 -1.17 8.59
N ARG B 451 6.56 -2.31 8.00
CA ARG B 451 5.28 -2.51 7.34
C ARG B 451 4.56 -3.75 7.86
N LEU B 452 4.87 -4.17 9.07
CA LEU B 452 4.26 -5.36 9.65
C LEU B 452 3.27 -5.08 10.76
N ARG B 453 3.47 -4.02 11.54
CA ARG B 453 2.54 -3.50 12.53
C ARG B 453 2.09 -2.09 12.11
N GLY B 454 1.22 -1.50 12.94
CA GLY B 454 0.93 -0.08 12.89
C GLY B 454 0.30 0.39 11.61
N PRO B 455 0.19 1.71 11.45
CA PRO B 455 -0.49 2.27 10.27
C PRO B 455 0.05 1.78 8.93
N HIS B 456 -0.87 1.28 8.10
CA HIS B 456 -0.65 0.92 6.69
C HIS B 456 0.35 -0.21 6.48
N ALA B 457 0.17 -1.28 7.24
CA ALA B 457 1.05 -2.44 7.09
C ALA B 457 0.82 -3.14 5.76
N ASP B 458 1.92 -3.53 5.12
CA ASP B 458 1.91 -4.12 3.79
C ASP B 458 1.73 -5.63 3.84
N PRO B 459 0.71 -6.19 3.17
CA PRO B 459 0.58 -7.65 3.07
C PRO B 459 1.75 -8.32 2.38
N GLN B 460 2.59 -7.58 1.67
CA GLN B 460 3.77 -8.15 1.03
C GLN B 460 5.06 -7.87 1.80
N ALA B 461 4.99 -7.14 2.92
CA ALA B 461 6.17 -6.76 3.68
C ALA B 461 7.01 -7.98 4.06
N GLN B 462 6.41 -8.91 4.81
CA GLN B 462 7.17 -10.03 5.31
C GLN B 462 7.87 -10.77 4.17
N SER B 463 7.19 -10.96 3.04
CA SER B 463 7.82 -11.62 1.89
C SER B 463 9.19 -11.04 1.57
N VAL B 464 9.34 -9.73 1.69
CA VAL B 464 10.60 -9.11 1.31
C VAL B 464 11.52 -8.94 2.51
N LEU B 465 10.99 -8.67 3.70
CA LEU B 465 11.85 -8.60 4.87
C LEU B 465 12.61 -9.91 5.06
N SER B 466 11.95 -11.03 4.82
CA SER B 466 12.59 -12.32 4.99
C SER B 466 13.83 -12.41 4.12
N ARG B 467 13.66 -12.12 2.84
CA ARG B 467 14.79 -12.17 1.92
C ARG B 467 15.92 -11.40 2.55
N SER B 468 15.64 -10.18 3.01
CA SER B 468 16.68 -9.45 3.73
C SER B 468 17.24 -10.27 4.87
N VAL B 469 16.36 -10.68 5.80
CA VAL B 469 16.79 -11.33 7.04
C VAL B 469 17.59 -12.59 6.73
N GLN B 470 17.22 -13.30 5.67
CA GLN B 470 18.03 -14.45 5.25
C GLN B 470 19.43 -14.04 4.87
N ARG B 471 19.57 -12.96 4.12
CA ARG B 471 20.89 -12.50 3.70
C ARG B 471 21.74 -12.17 4.90
N SER B 472 21.15 -11.56 5.91
CA SER B 472 21.89 -11.20 7.09
C SER B 472 22.44 -12.42 7.78
N LEU B 473 22.04 -13.59 7.31
CA LEU B 473 22.47 -14.83 7.94
C LEU B 473 23.67 -15.47 7.23
N ILE B 474 23.97 -15.07 6.00
CA ILE B 474 25.07 -15.77 5.32
C ILE B 474 26.37 -15.52 6.07
N GLN B 475 26.48 -14.39 6.75
CA GLN B 475 27.53 -14.17 7.70
C GLN B 475 26.90 -14.08 9.09
N GLN B 476 27.74 -13.85 10.09
CA GLN B 476 27.34 -13.60 11.47
C GLN B 476 26.20 -14.52 11.90
N GLY B 477 25.14 -14.01 12.49
CA GLY B 477 24.21 -14.86 13.20
C GLY B 477 24.79 -15.42 14.48
N GLU B 478 26.00 -14.98 14.90
CA GLU B 478 26.70 -15.61 16.04
C GLU B 478 27.06 -14.64 17.15
N HIS B 479 27.87 -13.61 16.85
CA HIS B 479 28.49 -12.75 17.88
C HIS B 479 27.51 -12.40 18.99
N ASP B 480 27.95 -12.63 20.24
CA ASP B 480 27.08 -12.36 21.40
C ASP B 480 27.85 -12.18 22.70
N SER B 481 28.62 -11.11 22.84
CA SER B 481 29.17 -10.82 24.18
C SER B 481 29.00 -9.34 24.53
N GLN B 482 29.67 -8.45 23.79
CA GLN B 482 29.43 -7.04 24.02
C GLN B 482 27.98 -6.69 23.68
N LEU B 483 27.39 -7.41 22.72
CA LEU B 483 25.97 -7.20 22.42
C LEU B 483 25.11 -7.54 23.61
N GLN B 484 25.57 -8.45 24.48
CA GLN B 484 24.75 -8.81 25.63
C GLN B 484 24.73 -7.67 26.67
N THR B 485 25.87 -7.04 26.91
CA THR B 485 25.85 -5.84 27.77
C THR B 485 25.03 -4.72 27.14
N VAL B 486 24.95 -4.67 25.81
CA VAL B 486 24.03 -3.74 25.16
C VAL B 486 22.59 -4.07 25.55
N LYS B 487 22.28 -5.37 25.65
CA LYS B 487 20.94 -5.73 26.10
C LYS B 487 20.73 -5.35 27.56
N HIS B 488 21.66 -5.74 28.44
CA HIS B 488 21.53 -5.43 29.86
C HIS B 488 21.31 -3.93 30.07
N ARG B 489 22.18 -3.10 29.47
CA ARG B 489 22.06 -1.67 29.67
C ARG B 489 20.75 -1.13 29.11
N LEU B 490 20.26 -1.70 28.01
CA LEU B 490 18.93 -1.31 27.52
C LEU B 490 17.84 -1.65 28.53
N LEU B 491 18.00 -2.76 29.26
CA LEU B 491 17.02 -3.15 30.28
C LEU B 491 17.00 -2.17 31.44
N ALA B 492 18.17 -1.91 32.04
CA ALA B 492 18.25 -0.92 33.11
C ALA B 492 17.70 0.43 32.64
N GLY B 493 18.09 0.86 31.44
CA GLY B 493 17.57 2.10 30.87
C GLY B 493 16.06 2.11 30.69
N LEU B 494 15.41 0.94 30.66
CA LEU B 494 13.94 0.91 30.63
C LEU B 494 13.34 1.28 31.99
N GLY B 495 14.07 1.11 33.09
CA GLY B 495 13.60 1.50 34.39
C GLY B 495 13.30 0.32 35.30
N GLU B 496 13.46 0.55 36.61
CA GLU B 496 13.21 -0.50 37.62
C GLU B 496 11.80 -1.04 37.53
N GLU B 497 10.82 -0.17 37.28
CA GLU B 497 9.43 -0.63 37.26
C GLU B 497 9.14 -1.49 36.03
N VAL B 498 9.82 -1.22 34.90
CA VAL B 498 9.62 -2.06 33.72
C VAL B 498 10.45 -3.34 33.84
N MET B 499 11.59 -3.30 34.52
CA MET B 499 12.36 -4.53 34.73
C MET B 499 11.54 -5.57 35.46
N GLN B 500 10.99 -5.21 36.63
CA GLN B 500 10.14 -6.12 37.40
C GLN B 500 8.98 -6.64 36.57
N ALA B 501 8.20 -5.74 35.98
CA ALA B 501 7.12 -6.15 35.09
C ALA B 501 7.60 -7.14 34.03
N LEU B 502 8.85 -7.04 33.60
CA LEU B 502 9.39 -7.98 32.64
C LEU B 502 9.92 -9.25 33.29
N LEU B 503 10.10 -9.28 34.61
CA LEU B 503 10.45 -10.53 35.27
C LEU B 503 9.20 -11.33 35.64
N ALA B 504 8.19 -10.66 36.20
CA ALA B 504 6.92 -11.33 36.47
C ALA B 504 6.38 -12.02 35.23
N ARG B 505 6.24 -11.27 34.13
CA ARG B 505 5.72 -11.83 32.89
C ARG B 505 6.63 -12.91 32.30
N GLN B 506 7.84 -13.06 32.81
CA GLN B 506 8.89 -13.90 32.25
C GLN B 506 9.38 -13.41 30.90
N GLU B 507 9.22 -12.11 30.62
CA GLU B 507 9.78 -11.56 29.40
C GLU B 507 11.29 -11.49 29.44
N ILE B 508 11.89 -11.51 30.64
CA ILE B 508 13.32 -11.67 30.80
C ILE B 508 13.55 -12.71 31.88
N SER B 509 14.76 -13.28 31.88
CA SER B 509 15.11 -14.30 32.84
C SER B 509 15.56 -13.67 34.16
N GLN B 510 15.94 -14.52 35.11
CA GLN B 510 16.40 -14.02 36.40
C GLN B 510 17.80 -13.44 36.34
N GLU B 511 18.72 -14.10 35.63
CA GLU B 511 20.06 -13.57 35.48
C GLU B 511 20.05 -12.25 34.71
N GLU B 512 19.18 -12.14 33.70
CA GLU B 512 19.08 -10.89 32.96
C GLU B 512 18.48 -9.77 33.79
N TYR B 513 17.87 -10.09 34.93
CA TYR B 513 17.44 -9.09 35.89
C TYR B 513 18.60 -8.66 36.80
N LEU B 514 19.38 -9.62 37.28
CA LEU B 514 20.55 -9.31 38.11
C LEU B 514 21.76 -8.87 37.31
N GLN B 515 21.75 -9.04 36.00
CA GLN B 515 22.77 -8.37 35.19
C GLN B 515 22.41 -6.90 35.03
N ALA B 516 21.22 -6.63 34.49
CA ALA B 516 20.74 -5.26 34.36
C ALA B 516 20.83 -4.51 35.67
N GLN B 517 20.70 -5.20 36.79
CA GLN B 517 20.70 -4.54 38.10
C GLN B 517 22.04 -3.87 38.37
N ARG B 518 23.14 -4.47 37.92
CA ARG B 518 24.47 -3.94 38.19
C ARG B 518 25.01 -3.11 37.03
N CYS B 519 24.13 -2.54 36.20
CA CYS B 519 24.57 -1.56 35.21
C CYS B 519 23.49 -0.48 35.04
N GLY B 520 22.95 0.01 36.15
CA GLY B 520 22.12 1.20 36.10
C GLY B 520 22.89 2.45 35.72
N GLU B 521 24.15 2.55 36.14
CA GLU B 521 24.97 3.70 35.78
C GLU B 521 25.26 3.75 34.28
N ASN B 522 25.50 2.61 33.66
CA ASN B 522 25.76 2.52 32.22
C ASN B 522 24.48 2.45 31.39
N ALA B 523 23.33 2.81 31.94
CA ALA B 523 22.06 2.46 31.32
C ALA B 523 21.86 3.19 29.99
N ILE B 524 21.23 2.50 29.05
CA ILE B 524 20.85 3.08 27.76
C ILE B 524 19.41 3.55 27.85
N VAL B 525 19.17 4.84 27.63
CA VAL B 525 17.81 5.39 27.59
C VAL B 525 17.51 5.79 26.16
N LEU B 526 16.42 5.25 25.61
CA LEU B 526 16.01 5.59 24.25
C LEU B 526 15.35 6.96 24.23
N SER B 527 16.02 7.92 23.59
CA SER B 527 15.55 9.28 23.47
C SER B 527 15.85 9.70 22.03
N TRP B 528 15.52 10.94 21.68
CA TRP B 528 16.09 11.55 20.49
C TRP B 528 17.62 11.61 20.49
N ASP B 529 18.21 11.96 21.64
CA ASP B 529 19.65 11.98 21.77
C ASP B 529 20.27 10.65 21.33
N THR B 530 19.52 9.56 21.46
CA THR B 530 19.94 8.24 20.97
C THR B 530 20.33 8.27 19.49
N GLN B 531 19.86 9.26 18.76
CA GLN B 531 19.88 9.19 17.31
C GLN B 531 21.08 9.91 16.70
N VAL B 532 21.72 10.80 17.44
CA VAL B 532 22.70 11.72 16.86
C VAL B 532 24.07 11.43 17.43
N ILE B 533 25.10 11.71 16.61
CA ILE B 533 26.50 11.69 17.03
C ILE B 533 27.02 13.11 17.02
N ARG B 534 27.68 13.52 18.11
CA ARG B 534 28.28 14.84 18.23
C ARG B 534 29.80 14.72 18.14
N PRO B 535 30.46 15.39 17.19
CA PRO B 535 31.93 15.26 17.08
C PRO B 535 32.61 15.70 18.36
N VAL B 536 33.81 15.18 18.58
CA VAL B 536 34.57 15.55 19.77
C VAL B 536 35.81 16.32 19.35
N GLU B 565 40.92 -1.83 41.06
CA GLU B 565 40.12 -2.23 39.90
C GLU B 565 40.65 -3.54 39.30
N LEU B 566 41.96 -3.75 39.42
CA LEU B 566 42.53 -5.04 39.09
C LEU B 566 41.87 -6.15 39.91
N MET B 567 41.89 -6.02 41.24
CA MET B 567 41.32 -7.04 42.11
C MET B 567 39.85 -7.27 41.83
N SER B 568 39.13 -6.24 41.37
CA SER B 568 37.70 -6.41 41.08
C SER B 568 37.48 -7.55 40.09
N GLN B 569 38.06 -7.42 38.89
CA GLN B 569 37.80 -8.39 37.84
C GLN B 569 38.45 -9.76 38.12
N THR B 570 39.52 -9.80 38.91
CA THR B 570 39.97 -11.09 39.43
C THR B 570 38.85 -11.75 40.25
N LEU B 571 38.24 -10.98 41.17
CA LEU B 571 37.12 -11.49 41.95
C LEU B 571 35.87 -11.70 41.12
N LYS B 572 35.75 -11.03 39.97
CA LYS B 572 34.55 -11.19 39.16
C LYS B 572 34.52 -12.56 38.49
N LEU B 573 35.70 -13.16 38.26
CA LEU B 573 35.84 -14.53 37.75
C LEU B 573 36.22 -15.54 38.81
N ASP B 574 37.23 -15.23 39.63
CA ASP B 574 37.63 -16.13 40.70
C ASP B 574 36.66 -15.94 41.87
N VAL B 575 36.84 -16.77 42.87
CA VAL B 575 36.06 -16.70 44.09
C VAL B 575 36.88 -15.92 45.12
N GLY B 576 36.18 -15.24 46.04
CA GLY B 576 36.82 -14.60 47.17
C GLY B 576 36.70 -13.09 47.12
N GLN B 577 37.21 -12.47 48.19
CA GLN B 577 37.26 -11.01 48.28
C GLN B 577 38.64 -10.52 48.71
N ILE B 578 39.20 -11.10 49.77
CA ILE B 578 40.56 -10.76 50.18
C ILE B 578 41.54 -11.60 49.38
N THR B 579 42.38 -10.93 48.60
CA THR B 579 43.42 -11.57 47.79
C THR B 579 44.72 -10.80 48.00
N ALA B 580 45.72 -11.44 48.59
CA ALA B 580 46.98 -10.77 48.82
C ALA B 580 47.64 -10.40 47.50
N ASP B 581 48.07 -9.14 47.37
CA ASP B 581 48.68 -8.65 46.15
C ASP B 581 50.16 -9.01 46.02
N ARG B 582 50.72 -9.71 47.02
CA ARG B 582 52.11 -10.12 47.00
C ARG B 582 52.29 -11.63 46.79
N HIS B 583 51.25 -12.34 46.36
CA HIS B 583 51.38 -13.75 46.03
C HIS B 583 50.81 -14.01 44.65
N LEU B 584 51.18 -15.15 44.06
CA LEU B 584 50.74 -15.45 42.70
C LEU B 584 49.67 -16.52 42.59
N SER B 585 49.13 -16.71 41.39
CA SER B 585 48.13 -17.74 41.18
C SER B 585 47.13 -17.76 42.32
N ASP B 586 46.47 -16.62 42.55
CA ASP B 586 45.53 -16.53 43.65
C ASP B 586 44.49 -17.63 43.57
N TYR B 587 44.10 -17.99 42.36
CA TYR B 587 43.10 -19.03 42.19
C TYR B 587 43.50 -19.91 41.04
N GLY B 588 42.53 -20.63 40.48
CA GLY B 588 42.83 -21.44 39.33
C GLY B 588 42.61 -20.65 38.06
N PHE B 589 43.67 -20.06 37.55
CA PHE B 589 43.53 -19.26 36.35
C PHE B 589 43.71 -20.13 35.12
N SER B 590 42.63 -20.74 34.66
CA SER B 590 42.67 -21.58 33.48
C SER B 590 42.98 -20.73 32.24
N SER B 591 43.09 -21.40 31.10
CA SER B 591 43.17 -20.66 29.85
C SER B 591 41.93 -19.80 29.67
N VAL B 592 40.79 -20.28 30.17
CA VAL B 592 39.51 -19.60 29.99
C VAL B 592 39.41 -18.36 30.87
N THR B 593 39.69 -18.49 32.17
CA THR B 593 39.59 -17.35 33.07
C THR B 593 40.80 -16.42 32.96
N LEU B 594 41.96 -16.92 32.52
CA LEU B 594 43.11 -16.03 32.33
C LEU B 594 42.93 -15.16 31.09
N THR B 595 42.45 -15.77 29.99
CA THR B 595 42.03 -14.98 28.84
C THR B 595 40.92 -14.03 29.22
N ALA B 596 39.98 -14.50 30.05
CA ALA B 596 38.84 -13.68 30.46
C ALA B 596 39.29 -12.51 31.33
N PHE B 597 40.22 -12.74 32.25
CA PHE B 597 40.74 -11.63 33.03
C PHE B 597 41.48 -10.63 32.16
N SER B 598 42.32 -11.12 31.25
CA SER B 598 43.08 -10.20 30.40
C SER B 598 42.18 -9.47 29.42
N ARG B 599 41.05 -10.07 29.05
CA ARG B 599 40.09 -9.39 28.19
C ARG B 599 39.27 -8.34 28.95
N LYS B 600 39.11 -8.50 30.26
CA LYS B 600 38.41 -7.48 31.03
C LYS B 600 39.24 -6.22 31.23
N ILE B 601 40.49 -6.20 30.79
CA ILE B 601 41.33 -5.03 30.94
C ILE B 601 41.51 -4.26 29.64
N THR B 602 41.54 -4.94 28.49
CA THR B 602 41.74 -4.24 27.23
C THR B 602 40.56 -3.34 26.86
N ASP B 603 39.39 -3.57 27.44
CA ASP B 603 38.25 -2.69 27.27
C ASP B 603 37.96 -1.84 28.50
N GLU B 604 38.80 -1.91 29.53
CA GLU B 604 38.69 -1.08 30.72
C GLU B 604 39.73 0.05 30.72
N TYR B 605 41.01 -0.30 30.61
CA TYR B 605 42.06 0.68 30.47
C TYR B 605 42.56 0.83 29.04
N ASN B 606 41.98 0.08 28.09
CA ASN B 606 42.39 0.10 26.70
C ASN B 606 43.90 -0.11 26.56
N ILE B 607 44.40 -1.18 27.19
CA ILE B 607 45.80 -1.57 27.09
C ILE B 607 45.86 -3.07 26.85
N ARG B 608 46.56 -3.47 25.78
CA ARG B 608 46.72 -4.87 25.46
C ARG B 608 47.84 -5.47 26.31
N LEU B 609 47.60 -6.68 26.82
CA LEU B 609 48.59 -7.41 27.61
C LEU B 609 49.34 -8.37 26.68
N GLN B 610 50.64 -8.09 26.47
CA GLN B 610 51.58 -8.94 25.73
C GLN B 610 51.55 -10.39 26.20
N PRO B 611 51.72 -11.37 25.31
CA PRO B 611 51.69 -12.78 25.76
C PRO B 611 52.69 -13.20 26.83
N PHE B 612 53.71 -12.41 27.16
CA PHE B 612 54.66 -12.76 28.20
C PHE B 612 54.43 -12.00 29.51
N VAL B 613 53.30 -11.31 29.67
CA VAL B 613 53.18 -10.41 30.81
C VAL B 613 53.03 -11.18 32.12
N PHE B 614 52.42 -12.37 32.08
CA PHE B 614 52.31 -13.13 33.32
C PHE B 614 53.56 -13.96 33.61
N LEU B 615 54.34 -14.32 32.60
CA LEU B 615 55.56 -15.07 32.86
C LEU B 615 56.57 -14.25 33.64
N GLU B 616 56.61 -12.93 33.41
CA GLU B 616 57.64 -12.07 33.95
C GLU B 616 57.17 -11.21 35.12
N TYR B 617 55.86 -11.01 35.29
CA TYR B 617 55.32 -10.34 36.47
C TYR B 617 54.29 -11.26 37.12
N THR B 618 54.69 -11.96 38.18
CA THR B 618 53.86 -13.03 38.73
C THR B 618 52.83 -12.56 39.76
N THR B 619 53.27 -11.87 40.81
CA THR B 619 52.35 -11.44 41.85
C THR B 619 51.64 -10.17 41.36
N LEU B 620 50.58 -9.78 42.08
CA LEU B 620 49.89 -8.55 41.70
C LEU B 620 50.76 -7.32 41.96
N LYS B 621 51.66 -7.38 42.95
CA LYS B 621 52.59 -6.28 43.14
C LYS B 621 53.57 -6.17 41.98
N ALA B 622 53.97 -7.31 41.40
CA ALA B 622 54.73 -7.25 40.16
C ALA B 622 53.90 -6.61 39.05
N LEU B 623 52.61 -6.91 39.01
CA LEU B 623 51.73 -6.29 38.02
C LEU B 623 51.47 -4.82 38.34
N THR B 624 51.71 -4.38 39.58
CA THR B 624 51.48 -2.97 39.92
C THR B 624 52.38 -2.06 39.09
N ASP B 625 53.67 -2.38 39.01
CA ASP B 625 54.59 -1.59 38.19
C ASP B 625 54.04 -1.41 36.79
N PHE B 626 53.80 -2.52 36.09
CA PHE B 626 53.36 -2.47 34.71
C PHE B 626 51.84 -2.51 34.64
#